data_6ATF
#
_entry.id   6ATF
#
_cell.length_a   66.980
_cell.length_b   77.770
_cell.length_c   94.540
_cell.angle_alpha   90.00
_cell.angle_beta   109.52
_cell.angle_gamma   90.00
#
_symmetry.space_group_name_H-M   'P 1 21 1'
#
loop_
_entity.id
_entity.type
_entity.pdbx_description
1 polymer 'HLA class II histocompatibility antigen, DR alpha chain'
2 polymer 'MHC class II antigen'
3 polymer Vimentin59-71
4 branched 2-acetamido-2-deoxy-beta-D-glucopyranose-(1-4)-2-acetamido-2-deoxy-beta-D-glucopyranose
5 non-polymer 2-acetamido-2-deoxy-beta-D-glucopyranose
6 non-polymer 1,2-ETHANEDIOL
7 non-polymer 'TRIETHYLENE GLYCOL'
8 water water
#
loop_
_entity_poly.entity_id
_entity_poly.type
_entity_poly.pdbx_seq_one_letter_code
_entity_poly.pdbx_strand_id
1 'polypeptide(L)'
;IKEEHVIIQAEFYLNPDQSGEFMFDFDGDEIFHVDMAKKETVWRLEEFGRFASFEAQGALANIAVDKANLEIMTKRSNYT
PITNVPPEVTVLTNSPVELREPNVLICFIDKFTPPVVNVTWLRNGKPVTTGVSETVFLPREDHLFRKFHYLPFLPSTEDV
YDCRVEHWGLDEPLLKHWEFDTSGDDDDK
;
A,D
2 'polypeptide(L)'
;GSGDTRPRFLEYSTSECHFFNGTERVRFLERYFHNQEENVRFDSDVGEYRAVTELGRPDAEYWNSQKDLLEQRRAAVDTY
CRHNYGVGESFTVQRRVHPKVTVYPSKTQPLQHHNLLVCSVSGFYPGSIEVRWFRNGQEEKTGVVSTGLIHNGDWTFQTL
VMLETVPRSGEVYTCQVEHPSVTSPLTVEWRATGGDDDDK
;
B,E
3 'polypeptide(L)' GVYATRSSAVRLR C,F
#
loop_
_chem_comp.id
_chem_comp.type
_chem_comp.name
_chem_comp.formula
EDO non-polymer 1,2-ETHANEDIOL 'C2 H6 O2'
NAG D-saccharide, beta linking 2-acetamido-2-deoxy-beta-D-glucopyranose 'C8 H15 N O6'
PGE non-polymer 'TRIETHYLENE GLYCOL' 'C6 H14 O4'
#
# COMPACT_ATOMS: atom_id res chain seq x y z
N GLU A 3 -6.99 -5.09 6.72
CA GLU A 3 -8.37 -5.29 6.29
C GLU A 3 -8.63 -6.75 5.92
N GLU A 4 -9.91 -7.11 5.91
CA GLU A 4 -10.34 -8.47 5.62
C GLU A 4 -10.54 -8.66 4.12
N HIS A 5 -11.26 -7.72 3.51
CA HIS A 5 -11.51 -7.77 2.07
C HIS A 5 -11.56 -6.38 1.46
N VAL A 6 -11.27 -6.32 0.17
CA VAL A 6 -11.39 -5.06 -0.57
C VAL A 6 -12.12 -5.31 -1.88
N ILE A 7 -13.15 -4.50 -2.12
CA ILE A 7 -13.87 -4.52 -3.38
C ILE A 7 -13.58 -3.22 -4.11
N ILE A 8 -13.12 -3.33 -5.35
CA ILE A 8 -12.79 -2.15 -6.13
C ILE A 8 -13.56 -2.11 -7.44
N GLN A 9 -14.20 -0.98 -7.69
CA GLN A 9 -14.78 -0.71 -8.99
C GLN A 9 -13.78 0.16 -9.74
N ALA A 10 -13.37 -0.26 -10.93
CA ALA A 10 -12.35 0.47 -11.68
C ALA A 10 -12.83 0.74 -13.10
N GLU A 11 -12.59 1.96 -13.57
CA GLU A 11 -13.08 2.36 -14.88
C GLU A 11 -12.11 3.32 -15.56
N PHE A 12 -12.02 3.23 -16.88
CA PHE A 12 -11.20 4.21 -17.59
C PHE A 12 -11.72 4.53 -18.98
N TYR A 13 -11.23 5.64 -19.51
CA TYR A 13 -11.47 5.99 -20.90
C TYR A 13 -10.16 6.50 -21.46
N LEU A 14 -9.82 6.04 -22.66
CA LEU A 14 -8.54 6.36 -23.25
C LEU A 14 -8.66 6.94 -24.64
N ASN A 15 -8.03 8.10 -24.85
CA ASN A 15 -7.91 8.73 -26.16
C ASN A 15 -6.49 8.60 -26.69
N PRO A 16 -6.32 8.58 -28.02
CA PRO A 16 -7.33 8.71 -29.07
C PRO A 16 -8.00 7.38 -29.44
N ASP A 17 -7.67 6.31 -28.73
CA ASP A 17 -8.18 4.98 -29.05
C ASP A 17 -9.69 4.87 -28.88
N GLN A 18 -10.24 5.74 -28.03
CA GLN A 18 -11.66 5.72 -27.68
C GLN A 18 -12.03 4.37 -27.07
N SER A 19 -11.16 3.88 -26.19
CA SER A 19 -11.39 2.62 -25.51
CA SER A 19 -11.41 2.62 -25.52
C SER A 19 -11.80 2.88 -24.07
N GLY A 20 -12.78 2.13 -23.60
CA GLY A 20 -13.26 2.28 -22.23
C GLY A 20 -13.49 0.94 -21.59
N GLU A 21 -13.38 0.89 -20.28
CA GLU A 21 -13.58 -0.35 -19.54
C GLU A 21 -14.19 -0.05 -18.17
N PHE A 22 -15.03 -0.97 -17.69
CA PHE A 22 -15.66 -0.87 -16.37
C PHE A 22 -15.61 -2.27 -15.76
N MET A 23 -15.06 -2.38 -14.55
CA MET A 23 -14.95 -3.70 -13.92
C MET A 23 -15.01 -3.61 -12.41
N PHE A 24 -15.36 -4.74 -11.79
CA PHE A 24 -15.31 -4.91 -10.34
C PHE A 24 -14.27 -5.95 -9.99
N ASP A 25 -13.53 -5.67 -8.92
CA ASP A 25 -12.43 -6.49 -8.41
C ASP A 25 -12.73 -6.86 -6.96
N PHE A 26 -12.53 -8.14 -6.62
CA PHE A 26 -12.60 -8.61 -5.24
C PHE A 26 -11.25 -9.23 -4.85
N ASP A 27 -10.54 -8.60 -3.93
CA ASP A 27 -9.25 -9.10 -3.44
C ASP A 27 -8.27 -9.49 -4.55
N GLY A 28 -8.26 -8.72 -5.63
CA GLY A 28 -7.32 -8.96 -6.70
C GLY A 28 -7.89 -9.75 -7.87
N ASP A 29 -9.07 -10.34 -7.69
CA ASP A 29 -9.75 -11.07 -8.77
C ASP A 29 -10.90 -10.28 -9.36
N GLU A 30 -11.13 -10.47 -10.65
CA GLU A 30 -12.23 -9.80 -11.35
C GLU A 30 -13.56 -10.49 -11.07
N ILE A 31 -14.56 -9.71 -10.64
CA ILE A 31 -15.90 -10.27 -10.50
C ILE A 31 -16.59 -10.25 -11.86
N PHE A 32 -16.60 -9.08 -12.48
CA PHE A 32 -17.17 -8.93 -13.82
C PHE A 32 -16.62 -7.69 -14.50
N HIS A 33 -16.87 -7.58 -15.80
CA HIS A 33 -16.66 -6.33 -16.51
C HIS A 33 -17.81 -6.13 -17.48
N VAL A 34 -17.89 -4.95 -18.08
CA VAL A 34 -18.95 -4.68 -19.03
C VAL A 34 -18.39 -4.61 -20.45
N ASP A 35 -18.91 -5.48 -21.30
CA ASP A 35 -18.65 -5.47 -22.74
C ASP A 35 -19.26 -4.21 -23.34
N MET A 36 -18.42 -3.25 -23.69
CA MET A 36 -18.91 -1.97 -24.20
C MET A 36 -19.64 -2.12 -25.53
N ALA A 37 -19.19 -3.05 -26.37
CA ALA A 37 -19.83 -3.29 -27.66
C ALA A 37 -21.21 -3.88 -27.49
N LYS A 38 -21.31 -4.98 -26.75
CA LYS A 38 -22.59 -5.68 -26.57
C LYS A 38 -23.43 -5.05 -25.47
N LYS A 39 -22.82 -4.14 -24.71
CA LYS A 39 -23.46 -3.48 -23.58
C LYS A 39 -24.03 -4.52 -22.63
N GLU A 40 -23.18 -5.47 -22.26
CA GLU A 40 -23.58 -6.60 -21.42
C GLU A 40 -22.56 -6.87 -20.32
N THR A 41 -23.05 -7.40 -19.20
CA THR A 41 -22.19 -7.80 -18.10
C THR A 41 -21.52 -9.13 -18.44
N VAL A 42 -20.21 -9.19 -18.24
CA VAL A 42 -19.45 -10.41 -18.49
C VAL A 42 -18.86 -10.92 -17.19
N TRP A 43 -19.41 -12.01 -16.66
CA TRP A 43 -18.94 -12.54 -15.39
C TRP A 43 -17.63 -13.32 -15.57
N ARG A 44 -16.69 -13.14 -14.63
CA ARG A 44 -15.36 -13.74 -14.76
C ARG A 44 -15.44 -15.26 -14.71
N LEU A 45 -16.26 -15.77 -13.79
CA LEU A 45 -16.61 -17.17 -13.77
C LEU A 45 -18.09 -17.27 -14.11
N GLU A 46 -18.44 -18.18 -15.01
CA GLU A 46 -19.80 -18.28 -15.52
C GLU A 46 -20.84 -18.37 -14.40
N GLU A 47 -20.54 -19.14 -13.36
CA GLU A 47 -21.52 -19.35 -12.28
C GLU A 47 -21.90 -18.09 -11.51
N PHE A 48 -21.03 -17.07 -11.52
CA PHE A 48 -21.33 -15.81 -10.84
C PHE A 48 -22.67 -15.24 -11.32
N GLY A 49 -22.91 -15.35 -12.62
CA GLY A 49 -24.12 -14.81 -13.22
C GLY A 49 -25.40 -15.45 -12.75
N ARG A 50 -25.28 -16.60 -12.07
CA ARG A 50 -26.44 -17.30 -11.54
C ARG A 50 -26.74 -16.82 -10.13
N PHE A 51 -25.78 -16.12 -9.52
CA PHE A 51 -25.92 -15.70 -8.12
C PHE A 51 -26.15 -14.21 -7.97
N ALA A 52 -25.82 -13.46 -9.00
CA ALA A 52 -25.91 -12.01 -8.93
C ALA A 52 -26.19 -11.41 -10.31
N SER A 53 -26.52 -10.12 -10.33
CA SER A 53 -26.76 -9.43 -11.59
C SER A 53 -26.20 -8.03 -11.53
N PHE A 54 -26.26 -7.33 -12.67
CA PHE A 54 -25.73 -5.98 -12.76
C PHE A 54 -26.37 -5.24 -13.92
N GLU A 55 -26.70 -3.97 -13.71
CA GLU A 55 -27.24 -3.15 -14.79
C GLU A 55 -26.11 -2.46 -15.54
N ALA A 56 -25.80 -2.99 -16.72
CA ALA A 56 -24.67 -2.49 -17.51
C ALA A 56 -24.79 -1.01 -17.90
N GLN A 57 -26.01 -0.49 -17.93
CA GLN A 57 -26.22 0.92 -18.31
C GLN A 57 -25.52 1.86 -17.33
N GLY A 58 -25.39 1.42 -16.07
CA GLY A 58 -24.70 2.21 -15.09
C GLY A 58 -23.23 2.34 -15.45
N ALA A 59 -22.67 1.27 -16.01
CA ALA A 59 -21.28 1.29 -16.46
C ALA A 59 -21.11 2.20 -17.67
N LEU A 60 -22.03 2.10 -18.62
CA LEU A 60 -21.99 2.93 -19.82
C LEU A 60 -22.09 4.41 -19.47
N ALA A 61 -22.90 4.72 -18.46
CA ALA A 61 -23.05 6.09 -18.01
C ALA A 61 -21.74 6.62 -17.42
N ASN A 62 -21.09 5.79 -16.59
CA ASN A 62 -19.80 6.17 -16.00
C ASN A 62 -18.71 6.39 -17.04
N ILE A 63 -18.70 5.56 -18.08
CA ILE A 63 -17.72 5.71 -19.15
C ILE A 63 -17.90 7.04 -19.89
N ALA A 64 -19.15 7.45 -20.10
CA ALA A 64 -19.43 8.73 -20.75
C ALA A 64 -18.91 9.89 -19.88
N VAL A 65 -19.05 9.73 -18.56
CA VAL A 65 -18.51 10.69 -17.62
C VAL A 65 -16.98 10.70 -17.68
N ASP A 66 -16.38 9.52 -17.71
CA ASP A 66 -14.93 9.40 -17.83
C ASP A 66 -14.45 10.10 -19.10
N LYS A 67 -15.18 9.92 -20.19
CA LYS A 67 -14.86 10.58 -21.45
C LYS A 67 -14.92 12.09 -21.32
N ALA A 68 -15.97 12.60 -20.66
CA ALA A 68 -16.10 14.04 -20.45
C ALA A 68 -14.98 14.55 -19.54
N ASN A 69 -14.67 13.78 -18.50
CA ASN A 69 -13.61 14.19 -17.58
C ASN A 69 -12.24 14.18 -18.24
N LEU A 70 -12.04 13.27 -19.20
CA LEU A 70 -10.79 13.24 -19.94
C LEU A 70 -10.55 14.52 -20.74
N GLU A 71 -11.60 14.99 -21.41
CA GLU A 71 -11.51 16.20 -22.21
C GLU A 71 -11.18 17.40 -21.31
N ILE A 72 -11.85 17.46 -20.17
CA ILE A 72 -11.60 18.50 -19.18
C ILE A 72 -10.14 18.48 -18.66
N MET A 73 -9.68 17.29 -18.27
CA MET A 73 -8.32 17.14 -17.72
C MET A 73 -7.21 17.35 -18.74
N THR A 74 -7.46 16.94 -19.98
CA THR A 74 -6.46 17.09 -21.03
C THR A 74 -6.21 18.59 -21.28
N LYS A 75 -7.27 19.39 -21.23
CA LYS A 75 -7.15 20.84 -21.37
C LYS A 75 -6.40 21.47 -20.20
N ARG A 76 -6.77 21.03 -19.00
CA ARG A 76 -6.23 21.57 -17.76
C ARG A 76 -4.73 21.30 -17.65
N SER A 77 -4.30 20.17 -18.19
CA SER A 77 -2.90 19.74 -18.10
C SER A 77 -2.11 20.17 -19.32
N ASN A 78 -2.75 20.94 -20.20
CA ASN A 78 -2.11 21.44 -21.41
C ASN A 78 -1.66 20.31 -22.31
N TYR A 79 -2.52 19.30 -22.46
CA TYR A 79 -2.33 18.19 -23.38
C TYR A 79 -1.04 17.41 -23.10
N THR A 80 -0.71 17.28 -21.83
CA THR A 80 0.40 16.44 -21.41
C THR A 80 0.04 14.99 -21.66
N PRO A 81 0.84 14.29 -22.46
CA PRO A 81 0.58 12.87 -22.76
C PRO A 81 1.02 11.93 -21.64
N ILE A 82 0.41 10.75 -21.59
CA ILE A 82 0.80 9.76 -20.59
C ILE A 82 2.19 9.24 -20.90
N THR A 83 2.96 8.93 -19.85
CA THR A 83 4.26 8.32 -20.03
C THR A 83 4.10 6.81 -20.15
N ASN A 84 4.65 6.23 -21.21
CA ASN A 84 4.57 4.78 -21.39
C ASN A 84 5.36 4.06 -20.30
N VAL A 85 4.73 3.07 -19.67
CA VAL A 85 5.44 2.17 -18.76
C VAL A 85 5.31 0.76 -19.33
N PRO A 86 6.44 0.19 -19.78
CA PRO A 86 6.44 -1.13 -20.42
C PRO A 86 6.17 -2.24 -19.41
N PRO A 87 5.53 -3.34 -19.86
CA PRO A 87 5.18 -4.38 -18.90
C PRO A 87 6.28 -5.36 -18.58
N GLU A 88 6.11 -6.04 -17.45
CA GLU A 88 6.88 -7.23 -17.11
C GLU A 88 6.04 -8.38 -17.59
N VAL A 89 6.66 -9.40 -18.17
CA VAL A 89 5.90 -10.53 -18.67
C VAL A 89 6.43 -11.84 -18.10
N THR A 90 5.52 -12.70 -17.65
CA THR A 90 5.87 -13.98 -17.07
C THR A 90 5.01 -15.06 -17.71
N VAL A 91 5.64 -16.14 -18.18
CA VAL A 91 4.87 -17.27 -18.68
C VAL A 91 5.02 -18.45 -17.72
N LEU A 92 3.89 -19.05 -17.35
CA LEU A 92 3.89 -20.19 -16.45
C LEU A 92 2.76 -21.15 -16.83
N THR A 93 2.72 -22.30 -16.18
CA THR A 93 1.64 -23.24 -16.41
C THR A 93 0.70 -23.23 -15.22
N ASN A 94 -0.53 -23.70 -15.45
CA ASN A 94 -1.56 -23.78 -14.44
C ASN A 94 -1.21 -24.77 -13.32
N SER A 95 -0.45 -25.79 -13.69
CA SER A 95 -0.05 -26.85 -12.77
C SER A 95 1.22 -27.53 -13.29
N PRO A 96 1.89 -28.32 -12.45
CA PRO A 96 3.07 -29.07 -12.91
C PRO A 96 2.84 -29.83 -14.20
N VAL A 97 3.82 -29.78 -15.08
CA VAL A 97 3.67 -30.31 -16.43
C VAL A 97 3.98 -31.79 -16.50
N GLU A 98 3.06 -32.54 -17.11
CA GLU A 98 3.29 -33.94 -17.43
C GLU A 98 3.00 -34.17 -18.91
N LEU A 99 3.89 -34.91 -19.57
CA LEU A 99 3.74 -35.20 -20.99
C LEU A 99 2.38 -35.80 -21.30
N ARG A 100 1.73 -35.27 -22.34
CA ARG A 100 0.45 -35.76 -22.83
C ARG A 100 -0.68 -35.62 -21.80
N GLU A 101 -0.45 -34.79 -20.79
CA GLU A 101 -1.49 -34.45 -19.82
C GLU A 101 -1.88 -33.00 -19.99
N PRO A 102 -3.12 -32.75 -20.43
CA PRO A 102 -3.66 -31.41 -20.72
C PRO A 102 -3.32 -30.39 -19.64
N ASN A 103 -2.84 -29.23 -20.08
CA ASN A 103 -2.42 -28.18 -19.16
C ASN A 103 -2.78 -26.82 -19.75
N VAL A 104 -2.45 -25.75 -19.06
CA VAL A 104 -2.74 -24.42 -19.57
C VAL A 104 -1.55 -23.49 -19.38
N LEU A 105 -1.09 -22.88 -20.48
CA LEU A 105 -0.08 -21.85 -20.40
C LEU A 105 -0.71 -20.52 -20.01
N ILE A 106 -0.06 -19.82 -19.10
CA ILE A 106 -0.53 -18.52 -18.64
C ILE A 106 0.51 -17.47 -18.97
N CYS A 107 0.07 -16.40 -19.65
CA CYS A 107 0.93 -15.26 -19.89
C CYS A 107 0.45 -14.09 -19.06
N PHE A 108 1.24 -13.74 -18.06
CA PHE A 108 0.88 -12.68 -17.13
C PHE A 108 1.61 -11.39 -17.48
N ILE A 109 0.83 -10.40 -17.90
CA ILE A 109 1.39 -9.12 -18.30
C ILE A 109 1.11 -8.10 -17.20
N ASP A 110 2.16 -7.46 -16.69
CA ASP A 110 2.07 -6.75 -15.41
C ASP A 110 2.78 -5.39 -15.39
N LYS A 111 2.26 -4.48 -14.57
CA LYS A 111 2.93 -3.22 -14.26
C LYS A 111 3.14 -2.31 -15.46
N PHE A 112 2.09 -2.14 -16.26
CA PHE A 112 2.22 -1.30 -17.44
C PHE A 112 1.12 -0.25 -17.54
N THR A 113 1.39 0.77 -18.36
CA THR A 113 0.37 1.72 -18.77
C THR A 113 0.91 2.42 -20.00
N PRO A 114 0.02 2.86 -20.92
CA PRO A 114 -1.45 2.79 -20.92
C PRO A 114 -1.97 1.37 -21.10
N PRO A 115 -3.25 1.14 -20.76
CA PRO A 115 -3.85 -0.19 -20.89
C PRO A 115 -4.14 -0.53 -22.35
N VAL A 116 -3.08 -0.70 -23.13
CA VAL A 116 -3.21 -1.15 -24.51
C VAL A 116 -2.05 -2.10 -24.83
N VAL A 117 -2.38 -3.29 -25.29
CA VAL A 117 -1.34 -4.26 -25.54
C VAL A 117 -1.74 -5.21 -26.69
N ASN A 118 -0.75 -5.67 -27.46
CA ASN A 118 -1.00 -6.76 -28.40
C ASN A 118 -0.29 -8.01 -27.89
N VAL A 119 -1.04 -9.10 -27.75
CA VAL A 119 -0.48 -10.33 -27.22
C VAL A 119 -0.73 -11.49 -28.18
N THR A 120 0.34 -12.20 -28.52
CA THR A 120 0.24 -13.33 -29.43
C THR A 120 0.89 -14.55 -28.78
N TRP A 121 0.19 -15.67 -28.82
CA TRP A 121 0.78 -16.96 -28.47
C TRP A 121 1.49 -17.55 -29.67
N LEU A 122 2.72 -18.00 -29.48
CA LEU A 122 3.47 -18.64 -30.56
C LEU A 122 3.77 -20.09 -30.21
N ARG A 123 3.42 -21.01 -31.11
CA ARG A 123 3.84 -22.40 -30.98
C ARG A 123 4.87 -22.72 -32.06
N ASN A 124 6.09 -23.02 -31.64
CA ASN A 124 7.21 -23.21 -32.58
C ASN A 124 7.33 -22.05 -33.56
N GLY A 125 7.18 -20.83 -33.05
CA GLY A 125 7.32 -19.63 -33.85
C GLY A 125 6.09 -19.24 -34.66
N LYS A 126 5.02 -20.02 -34.54
CA LYS A 126 3.80 -19.79 -35.32
C LYS A 126 2.66 -19.30 -34.43
N PRO A 127 1.94 -18.25 -34.88
CA PRO A 127 0.80 -17.74 -34.12
C PRO A 127 -0.28 -18.80 -33.96
N VAL A 128 -0.76 -18.97 -32.73
CA VAL A 128 -1.83 -19.93 -32.47
C VAL A 128 -2.98 -19.23 -31.76
N THR A 129 -4.20 -19.61 -32.14
CA THR A 129 -5.40 -18.96 -31.59
C THR A 129 -6.42 -19.97 -31.08
N THR A 130 -6.13 -21.25 -31.23
CA THR A 130 -7.09 -22.27 -30.84
C THR A 130 -7.26 -22.34 -29.33
N GLY A 131 -8.45 -22.01 -28.87
CA GLY A 131 -8.79 -22.15 -27.47
C GLY A 131 -8.24 -21.06 -26.58
N VAL A 132 -7.59 -20.06 -27.17
CA VAL A 132 -7.00 -19.00 -26.36
C VAL A 132 -8.10 -18.14 -25.71
N SER A 133 -7.76 -17.54 -24.58
CA SER A 133 -8.66 -16.60 -23.91
C SER A 133 -7.81 -15.57 -23.17
N GLU A 134 -8.47 -14.52 -22.69
CA GLU A 134 -7.77 -13.42 -22.05
C GLU A 134 -8.68 -12.69 -21.07
N THR A 135 -8.08 -11.87 -20.21
CA THR A 135 -8.83 -10.99 -19.33
C THR A 135 -8.81 -9.56 -19.86
N VAL A 136 -9.64 -8.70 -19.28
CA VAL A 136 -9.49 -7.27 -19.54
C VAL A 136 -8.36 -6.75 -18.67
N PHE A 137 -8.18 -5.44 -18.65
CA PHE A 137 -7.09 -4.84 -17.88
C PHE A 137 -7.47 -4.71 -16.42
N LEU A 138 -6.68 -5.33 -15.57
CA LEU A 138 -7.01 -5.40 -14.15
C LEU A 138 -6.23 -4.35 -13.37
N PRO A 139 -6.84 -3.81 -12.31
CA PRO A 139 -6.21 -2.73 -11.52
C PRO A 139 -5.08 -3.23 -10.62
N ARG A 140 -4.17 -2.31 -10.28
CA ARG A 140 -3.11 -2.55 -9.31
C ARG A 140 -3.17 -1.45 -8.27
N GLU A 141 -2.58 -1.68 -7.10
CA GLU A 141 -2.53 -0.65 -6.08
C GLU A 141 -1.69 0.56 -6.51
N ASP A 142 -0.78 0.37 -7.47
CA ASP A 142 0.04 1.48 -7.95
C ASP A 142 -0.49 2.08 -9.25
N HIS A 143 -1.72 1.72 -9.60
CA HIS A 143 -2.45 2.31 -10.72
C HIS A 143 -1.89 2.01 -12.11
N LEU A 144 -0.95 1.06 -12.15
CA LEU A 144 -0.58 0.41 -13.40
C LEU A 144 -1.58 -0.73 -13.61
N PHE A 145 -1.43 -1.48 -14.69
CA PHE A 145 -2.41 -2.50 -15.03
C PHE A 145 -1.84 -3.90 -15.12
N ARG A 146 -2.73 -4.89 -14.98
CA ARG A 146 -2.43 -6.32 -15.10
C ARG A 146 -3.27 -6.91 -16.21
N LYS A 147 -2.81 -8.01 -16.79
CA LYS A 147 -3.60 -8.70 -17.81
C LYS A 147 -3.15 -10.15 -17.90
N PHE A 148 -4.09 -11.06 -18.10
CA PHE A 148 -3.77 -12.48 -18.28
C PHE A 148 -4.22 -12.97 -19.64
N HIS A 149 -3.38 -13.79 -20.28
CA HIS A 149 -3.78 -14.51 -21.48
C HIS A 149 -3.57 -15.99 -21.23
N TYR A 150 -4.42 -16.83 -21.83
CA TYR A 150 -4.38 -18.25 -21.56
C TYR A 150 -4.31 -19.09 -22.84
N LEU A 151 -3.61 -20.23 -22.75
CA LEU A 151 -3.54 -21.17 -23.87
C LEU A 151 -3.56 -22.60 -23.39
N PRO A 152 -4.71 -23.29 -23.54
CA PRO A 152 -4.74 -24.73 -23.27
C PRO A 152 -3.80 -25.44 -24.22
N PHE A 153 -3.12 -26.50 -23.76
CA PHE A 153 -2.19 -27.21 -24.61
C PHE A 153 -1.90 -28.61 -24.10
N LEU A 154 -1.40 -29.46 -25.00
CA LEU A 154 -0.93 -30.79 -24.67
C LEU A 154 0.58 -30.82 -24.63
N PRO A 155 1.16 -30.93 -23.43
CA PRO A 155 2.62 -30.93 -23.26
C PRO A 155 3.31 -32.01 -24.09
N SER A 156 4.38 -31.63 -24.76
CA SER A 156 5.16 -32.57 -25.56
C SER A 156 6.60 -32.11 -25.62
N THR A 157 7.47 -33.00 -26.09
CA THR A 157 8.89 -32.69 -26.16
C THR A 157 9.27 -31.93 -27.43
N GLU A 158 8.36 -31.90 -28.40
N GLU A 158 8.35 -31.88 -28.39
CA GLU A 158 8.65 -31.29 -29.70
CA GLU A 158 8.64 -31.27 -29.68
C GLU A 158 7.95 -29.94 -29.90
C GLU A 158 8.20 -29.82 -29.75
N ASP A 159 7.30 -29.43 -28.87
CA ASP A 159 6.68 -28.11 -28.95
C ASP A 159 7.28 -27.11 -27.97
N VAL A 160 7.61 -25.93 -28.48
CA VAL A 160 8.02 -24.82 -27.63
C VAL A 160 7.01 -23.69 -27.80
N TYR A 161 6.90 -22.85 -26.77
CA TYR A 161 5.92 -21.78 -26.79
C TYR A 161 6.53 -20.45 -26.41
N ASP A 162 5.95 -19.38 -26.92
CA ASP A 162 6.31 -18.04 -26.50
C ASP A 162 5.06 -17.20 -26.36
N CYS A 163 5.05 -16.34 -25.36
CA CYS A 163 4.07 -15.26 -25.30
C CYS A 163 4.75 -14.00 -25.82
N ARG A 164 4.23 -13.44 -26.91
CA ARG A 164 4.80 -12.23 -27.50
C ARG A 164 3.93 -11.02 -27.16
N VAL A 165 4.55 -10.03 -26.53
CA VAL A 165 3.81 -8.87 -26.05
C VAL A 165 4.31 -7.56 -26.67
N GLU A 166 3.41 -6.83 -27.31
CA GLU A 166 3.75 -5.53 -27.87
C GLU A 166 3.11 -4.42 -27.05
N HIS A 167 3.91 -3.40 -26.73
CA HIS A 167 3.46 -2.26 -25.96
C HIS A 167 4.28 -1.04 -26.39
N TRP A 168 3.64 0.13 -26.39
CA TRP A 168 4.29 1.35 -26.87
C TRP A 168 5.53 1.72 -26.05
N GLY A 169 5.62 1.19 -24.83
CA GLY A 169 6.79 1.41 -24.00
C GLY A 169 7.96 0.50 -24.34
N LEU A 170 7.72 -0.48 -25.22
CA LEU A 170 8.75 -1.41 -25.67
C LEU A 170 9.29 -1.04 -27.04
N ASP A 171 10.60 -1.15 -27.21
CA ASP A 171 11.23 -0.89 -28.51
C ASP A 171 10.96 -2.02 -29.51
N GLU A 172 11.05 -3.26 -29.04
N GLU A 172 11.02 -3.25 -29.03
CA GLU A 172 10.74 -4.43 -29.86
CA GLU A 172 10.72 -4.41 -29.86
C GLU A 172 9.77 -5.32 -29.08
C GLU A 172 9.78 -5.33 -29.08
N PRO A 173 9.07 -6.23 -29.78
CA PRO A 173 8.16 -7.12 -29.05
C PRO A 173 8.90 -7.95 -28.01
N LEU A 174 8.27 -8.17 -26.87
CA LEU A 174 8.88 -8.94 -25.80
C LEU A 174 8.36 -10.36 -25.83
N LEU A 175 9.27 -11.33 -26.02
CA LEU A 175 8.90 -12.74 -26.01
C LEU A 175 9.37 -13.42 -24.74
N LYS A 176 8.44 -14.08 -24.06
CA LYS A 176 8.78 -14.95 -22.93
C LYS A 176 8.51 -16.39 -23.31
N HIS A 177 9.49 -17.25 -23.04
CA HIS A 177 9.53 -18.61 -23.56
C HIS A 177 9.04 -19.66 -22.57
N TRP A 178 8.50 -20.75 -23.11
CA TRP A 178 8.26 -21.95 -22.31
C TRP A 178 8.56 -23.19 -23.16
N GLU A 179 9.25 -24.15 -22.55
CA GLU A 179 9.46 -25.45 -23.16
C GLU A 179 9.58 -26.48 -22.04
N PHE A 180 9.39 -27.75 -22.38
CA PHE A 180 9.35 -28.82 -21.39
C PHE A 180 10.63 -28.92 -20.54
N ASP A 181 10.45 -28.88 -19.22
CA ASP A 181 11.55 -28.96 -18.25
C ASP A 181 11.99 -30.41 -18.06
N THR A 182 13.25 -30.68 -18.33
CA THR A 182 13.77 -32.04 -18.31
C THR A 182 14.73 -32.26 -17.14
N ASP B 4 2.31 3.40 -34.15
CA ASP B 4 1.44 4.48 -33.67
C ASP B 4 2.12 5.21 -32.52
N THR B 5 2.63 6.41 -32.79
CA THR B 5 3.32 7.18 -31.76
C THR B 5 2.51 8.39 -31.28
N ARG B 6 1.23 8.44 -31.65
CA ARG B 6 0.34 9.50 -31.17
C ARG B 6 0.28 9.50 -29.65
N PRO B 7 0.29 10.69 -29.03
CA PRO B 7 0.21 10.78 -27.58
C PRO B 7 -1.10 10.18 -27.05
N ARG B 8 -1.05 9.53 -25.89
CA ARG B 8 -2.24 8.96 -25.29
C ARG B 8 -2.65 9.76 -24.06
N PHE B 9 -3.94 9.76 -23.77
CA PHE B 9 -4.50 10.49 -22.64
C PHE B 9 -5.49 9.60 -21.92
N LEU B 10 -5.21 9.32 -20.65
CA LEU B 10 -5.95 8.31 -19.90
C LEU B 10 -6.69 8.88 -18.69
N GLU B 11 -8.00 8.69 -18.65
CA GLU B 11 -8.80 9.10 -17.51
C GLU B 11 -9.26 7.86 -16.76
N TYR B 12 -8.99 7.80 -15.46
CA TYR B 12 -9.15 6.57 -14.69
C TYR B 12 -9.76 6.91 -13.33
N SER B 13 -10.74 6.12 -12.90
CA SER B 13 -11.37 6.35 -11.61
C SER B 13 -11.69 5.04 -10.91
N THR B 14 -11.45 5.00 -9.61
CA THR B 14 -11.74 3.81 -8.84
C THR B 14 -12.57 4.20 -7.61
N SER B 15 -13.36 3.26 -7.10
CA SER B 15 -13.96 3.44 -5.79
C SER B 15 -13.72 2.14 -5.02
N GLU B 16 -13.06 2.28 -3.88
CA GLU B 16 -12.65 1.14 -3.08
C GLU B 16 -13.54 1.01 -1.85
N CYS B 17 -13.93 -0.22 -1.56
CA CYS B 17 -14.60 -0.55 -0.30
C CYS B 17 -13.73 -1.49 0.50
N HIS B 18 -13.33 -1.01 1.68
CA HIS B 18 -12.46 -1.75 2.58
C HIS B 18 -13.26 -2.30 3.75
N PHE B 19 -13.19 -3.61 3.95
CA PHE B 19 -13.97 -4.26 5.00
C PHE B 19 -13.08 -4.83 6.09
N PHE B 20 -13.43 -4.51 7.34
CA PHE B 20 -12.76 -5.04 8.51
C PHE B 20 -13.80 -5.76 9.37
N ASN B 21 -13.48 -6.98 9.80
CA ASN B 21 -14.40 -7.78 10.62
C ASN B 21 -15.76 -7.91 9.96
N GLY B 22 -15.79 -8.50 8.77
CA GLY B 22 -17.02 -8.59 8.01
C GLY B 22 -17.42 -7.21 7.51
N THR B 23 -18.60 -6.76 7.93
CA THR B 23 -19.09 -5.43 7.56
C THR B 23 -19.23 -4.54 8.78
N GLU B 24 -18.64 -4.94 9.89
CA GLU B 24 -18.70 -4.14 11.12
C GLU B 24 -18.00 -2.80 10.93
N ARG B 25 -16.84 -2.81 10.30
CA ARG B 25 -16.09 -1.59 10.01
C ARG B 25 -15.82 -1.51 8.51
N VAL B 26 -16.24 -0.42 7.89
CA VAL B 26 -16.14 -0.25 6.44
C VAL B 26 -15.61 1.14 6.10
N ARG B 27 -14.71 1.20 5.13
CA ARG B 27 -14.18 2.47 4.63
C ARG B 27 -14.32 2.55 3.13
N PHE B 28 -14.81 3.69 2.65
CA PHE B 28 -15.06 3.93 1.23
C PHE B 28 -14.09 4.98 0.71
N LEU B 29 -13.42 4.68 -0.40
CA LEU B 29 -12.43 5.60 -0.95
C LEU B 29 -12.62 5.74 -2.47
N GLU B 30 -13.01 6.94 -2.88
CA GLU B 30 -13.23 7.25 -4.29
C GLU B 30 -12.03 8.02 -4.82
N ARG B 31 -11.50 7.61 -5.95
CA ARG B 31 -10.26 8.19 -6.44
C ARG B 31 -10.36 8.53 -7.92
N TYR B 32 -9.88 9.71 -8.29
CA TYR B 32 -9.84 10.12 -9.69
C TYR B 32 -8.40 10.37 -10.15
N PHE B 33 -8.05 9.80 -11.31
CA PHE B 33 -6.69 9.87 -11.83
C PHE B 33 -6.68 10.43 -13.25
N HIS B 34 -5.57 11.07 -13.63
CA HIS B 34 -5.32 11.43 -15.02
C HIS B 34 -3.88 11.10 -15.37
N ASN B 35 -3.68 10.28 -16.40
CA ASN B 35 -2.34 9.84 -16.79
C ASN B 35 -1.50 9.31 -15.61
N GLN B 36 -2.09 8.42 -14.82
CA GLN B 36 -1.42 7.80 -13.65
C GLN B 36 -1.30 8.71 -12.42
N GLU B 37 -1.59 9.99 -12.55
CA GLU B 37 -1.54 10.88 -11.39
C GLU B 37 -2.89 10.98 -10.68
N GLU B 38 -2.97 10.49 -9.45
CA GLU B 38 -4.19 10.69 -8.66
C GLU B 38 -4.29 12.16 -8.32
N ASN B 39 -5.40 12.83 -8.67
CA ASN B 39 -5.46 14.26 -8.38
C ASN B 39 -6.56 14.70 -7.41
N VAL B 40 -7.52 13.83 -7.12
CA VAL B 40 -8.56 14.16 -6.15
C VAL B 40 -9.19 12.88 -5.59
N ARG B 41 -9.59 12.90 -4.33
CA ARG B 41 -10.20 11.73 -3.72
C ARG B 41 -11.24 12.09 -2.68
N PHE B 42 -12.17 11.15 -2.47
CA PHE B 42 -13.10 11.21 -1.35
C PHE B 42 -12.81 10.02 -0.44
N ASP B 43 -12.49 10.33 0.81
CA ASP B 43 -12.21 9.34 1.85
C ASP B 43 -13.32 9.41 2.90
N SER B 44 -14.02 8.30 3.11
CA SER B 44 -15.15 8.31 4.06
C SER B 44 -14.71 8.63 5.48
N ASP B 45 -13.41 8.52 5.79
CA ASP B 45 -12.90 8.95 7.09
C ASP B 45 -13.02 10.46 7.26
N VAL B 46 -13.01 11.17 6.14
CA VAL B 46 -13.06 12.63 6.12
C VAL B 46 -14.47 13.14 5.79
N GLY B 47 -15.06 12.60 4.74
CA GLY B 47 -16.42 12.98 4.37
C GLY B 47 -16.53 14.16 3.43
N GLU B 48 -15.38 14.56 2.87
CA GLU B 48 -15.32 15.58 1.82
C GLU B 48 -14.25 15.19 0.83
N TYR B 49 -14.32 15.76 -0.36
CA TYR B 49 -13.25 15.56 -1.34
C TYR B 49 -12.01 16.35 -0.91
N ARG B 50 -10.84 15.81 -1.21
CA ARG B 50 -9.58 16.50 -1.00
C ARG B 50 -8.72 16.41 -2.26
N ALA B 51 -8.13 17.54 -2.66
CA ALA B 51 -7.19 17.54 -3.78
C ALA B 51 -5.94 16.78 -3.38
N VAL B 52 -5.49 15.88 -4.24
CA VAL B 52 -4.23 15.18 -4.02
C VAL B 52 -3.10 15.97 -4.69
N THR B 53 -3.41 16.55 -5.84
CA THR B 53 -2.48 17.45 -6.52
C THR B 53 -3.22 18.73 -6.88
N GLU B 54 -2.48 19.76 -7.27
CA GLU B 54 -3.08 21.05 -7.61
C GLU B 54 -4.07 20.94 -8.78
N LEU B 55 -3.79 20.01 -9.69
CA LEU B 55 -4.66 19.79 -10.85
C LEU B 55 -6.06 19.30 -10.44
N GLY B 56 -6.17 18.75 -9.25
CA GLY B 56 -7.45 18.24 -8.77
C GLY B 56 -8.19 19.21 -7.88
N ARG B 57 -7.53 20.31 -7.50
CA ARG B 57 -8.15 21.26 -6.59
C ARG B 57 -9.47 21.86 -7.11
N PRO B 58 -9.55 22.19 -8.41
CA PRO B 58 -10.85 22.75 -8.85
C PRO B 58 -12.04 21.81 -8.64
N ASP B 59 -11.81 20.51 -8.77
CA ASP B 59 -12.87 19.52 -8.63
C ASP B 59 -13.21 19.24 -7.18
N ALA B 60 -12.19 19.24 -6.31
CA ALA B 60 -12.44 19.09 -4.89
C ALA B 60 -13.34 20.22 -4.41
N GLU B 61 -13.00 21.44 -4.78
CA GLU B 61 -13.81 22.60 -4.41
C GLU B 61 -15.20 22.56 -5.02
N TYR B 62 -15.28 22.19 -6.30
CA TYR B 62 -16.55 22.14 -7.03
C TYR B 62 -17.47 21.07 -6.44
N TRP B 63 -16.95 19.86 -6.27
CA TRP B 63 -17.74 18.76 -5.74
C TRP B 63 -18.12 18.99 -4.27
N ASN B 64 -17.23 19.62 -3.51
CA ASN B 64 -17.55 19.93 -2.12
C ASN B 64 -18.64 20.97 -1.98
N SER B 65 -18.92 21.71 -3.05
CA SER B 65 -19.99 22.71 -3.02
C SER B 65 -21.36 22.09 -3.33
N GLN B 66 -21.36 20.81 -3.70
CA GLN B 66 -22.60 20.10 -4.00
C GLN B 66 -22.97 19.18 -2.84
N LYS B 67 -23.76 19.70 -1.92
CA LYS B 67 -24.16 18.95 -0.72
C LYS B 67 -24.85 17.63 -1.04
N ASP B 68 -25.64 17.59 -2.11
CA ASP B 68 -26.33 16.36 -2.46
C ASP B 68 -25.34 15.28 -2.89
N LEU B 69 -24.34 15.66 -3.67
CA LEU B 69 -23.30 14.72 -4.07
C LEU B 69 -22.52 14.23 -2.84
N LEU B 70 -22.20 15.15 -1.94
CA LEU B 70 -21.46 14.76 -0.73
C LEU B 70 -22.23 13.72 0.08
N GLU B 71 -23.52 13.96 0.26
CA GLU B 71 -24.31 13.02 1.06
C GLU B 71 -24.47 11.66 0.37
N GLN B 72 -24.46 11.64 -0.96
CA GLN B 72 -24.42 10.38 -1.71
C GLN B 72 -23.16 9.59 -1.32
N ARG B 73 -22.03 10.29 -1.30
CA ARG B 73 -20.76 9.65 -0.96
C ARG B 73 -20.67 9.30 0.52
N ARG B 74 -21.19 10.15 1.39
CA ARG B 74 -21.16 9.86 2.83
C ARG B 74 -21.95 8.62 3.20
N ALA B 75 -22.93 8.28 2.37
CA ALA B 75 -23.75 7.09 2.62
C ALA B 75 -23.21 5.83 1.94
N ALA B 76 -22.17 6.01 1.11
CA ALA B 76 -21.67 4.93 0.27
C ALA B 76 -21.23 3.69 1.03
N VAL B 77 -20.66 3.86 2.23
CA VAL B 77 -20.28 2.70 3.02
C VAL B 77 -21.46 1.76 3.27
N ASP B 78 -22.68 2.34 3.32
CA ASP B 78 -23.90 1.56 3.50
C ASP B 78 -24.52 1.15 2.17
N THR B 79 -24.82 2.14 1.34
CA THR B 79 -25.60 1.93 0.13
C THR B 79 -24.82 1.25 -0.98
N TYR B 80 -23.50 1.26 -0.87
CA TYR B 80 -22.62 0.76 -1.94
C TYR B 80 -21.72 -0.36 -1.44
N CYS B 81 -20.88 -0.05 -0.45
CA CYS B 81 -19.94 -1.04 0.10
C CYS B 81 -20.64 -2.20 0.79
N ARG B 82 -21.39 -1.92 1.86
CA ARG B 82 -22.07 -3.00 2.57
C ARG B 82 -23.04 -3.72 1.65
N HIS B 83 -23.71 -2.99 0.76
CA HIS B 83 -24.64 -3.61 -0.19
C HIS B 83 -23.95 -4.62 -1.09
N ASN B 84 -22.87 -4.21 -1.73
CA ASN B 84 -22.18 -5.06 -2.69
C ASN B 84 -21.48 -6.22 -2.01
N TYR B 85 -21.02 -6.00 -0.78
CA TYR B 85 -20.46 -7.08 0.02
C TYR B 85 -21.48 -8.20 0.17
N GLY B 86 -22.70 -7.84 0.55
CA GLY B 86 -23.75 -8.81 0.74
C GLY B 86 -24.11 -9.54 -0.54
N VAL B 87 -24.17 -8.79 -1.64
CA VAL B 87 -24.52 -9.36 -2.94
C VAL B 87 -23.58 -10.49 -3.35
N GLY B 88 -22.28 -10.29 -3.16
CA GLY B 88 -21.31 -11.26 -3.64
C GLY B 88 -20.77 -12.20 -2.59
N GLU B 89 -21.26 -12.08 -1.36
CA GLU B 89 -20.68 -12.80 -0.22
C GLU B 89 -20.54 -14.31 -0.42
N SER B 90 -21.58 -14.95 -0.96
CA SER B 90 -21.60 -16.41 -1.05
C SER B 90 -20.53 -16.99 -1.99
N PHE B 91 -20.13 -16.25 -3.02
CA PHE B 91 -19.16 -16.79 -3.97
C PHE B 91 -17.83 -16.05 -3.99
N THR B 92 -17.63 -15.14 -3.04
CA THR B 92 -16.37 -14.41 -2.94
C THR B 92 -15.76 -14.61 -1.56
N VAL B 93 -16.35 -13.98 -0.56
CA VAL B 93 -15.90 -14.11 0.82
C VAL B 93 -15.90 -15.57 1.27
N GLN B 94 -16.95 -16.31 0.91
CA GLN B 94 -17.11 -17.69 1.36
C GLN B 94 -16.54 -18.71 0.38
N ARG B 95 -15.90 -18.22 -0.68
CA ARG B 95 -15.27 -19.10 -1.66
C ARG B 95 -14.06 -19.83 -1.08
N ARG B 96 -14.09 -21.15 -1.17
CA ARG B 96 -12.97 -21.98 -0.68
C ARG B 96 -12.64 -23.07 -1.69
N VAL B 97 -11.41 -23.09 -2.19
CA VAL B 97 -10.96 -24.18 -3.04
C VAL B 97 -9.70 -24.83 -2.46
N HIS B 98 -9.77 -26.13 -2.19
CA HIS B 98 -8.65 -26.86 -1.59
C HIS B 98 -7.43 -26.89 -2.49
N PRO B 99 -6.24 -26.72 -1.90
CA PRO B 99 -5.01 -26.85 -2.69
C PRO B 99 -4.74 -28.28 -3.13
N LYS B 100 -4.13 -28.42 -4.30
CA LYS B 100 -3.60 -29.70 -4.76
C LYS B 100 -2.10 -29.72 -4.51
N VAL B 101 -1.63 -30.74 -3.81
CA VAL B 101 -0.23 -30.76 -3.39
C VAL B 101 0.53 -31.93 -4.01
N THR B 102 1.62 -31.64 -4.71
CA THR B 102 2.49 -32.70 -5.21
C THR B 102 3.94 -32.36 -4.95
N VAL B 103 4.78 -33.38 -4.89
CA VAL B 103 6.21 -33.17 -4.69
C VAL B 103 7.00 -33.87 -5.79
N TYR B 104 7.97 -33.17 -6.37
CA TYR B 104 8.82 -33.79 -7.38
C TYR B 104 10.26 -33.29 -7.23
N PRO B 105 11.25 -34.13 -7.59
CA PRO B 105 12.64 -33.73 -7.46
C PRO B 105 13.14 -32.92 -8.66
N SER B 106 14.12 -32.06 -8.43
CA SER B 106 14.70 -31.24 -9.49
C SER B 106 16.18 -30.99 -9.18
N LYS B 107 16.80 -30.11 -9.95
CA LYS B 107 18.23 -29.83 -9.82
C LYS B 107 18.52 -28.33 -9.85
N THR B 108 19.43 -27.87 -8.99
CA THR B 108 19.96 -26.51 -9.12
C THR B 108 20.98 -26.46 -10.23
N GLN B 109 21.66 -27.58 -10.46
CA GLN B 109 22.68 -27.70 -11.49
C GLN B 109 22.46 -28.97 -12.31
N PRO B 110 22.24 -28.82 -13.63
CA PRO B 110 21.88 -29.92 -14.53
C PRO B 110 22.88 -31.09 -14.52
N LEU B 111 24.16 -30.80 -14.39
CA LEU B 111 25.18 -31.84 -14.46
C LEU B 111 25.31 -32.61 -13.15
N GLN B 112 24.81 -32.04 -12.06
CA GLN B 112 24.88 -32.70 -10.76
C GLN B 112 23.59 -33.45 -10.46
N HIS B 113 23.54 -34.14 -9.33
CA HIS B 113 22.41 -34.97 -8.95
C HIS B 113 21.23 -34.15 -8.44
N HIS B 114 20.06 -34.80 -8.35
CA HIS B 114 18.87 -34.14 -7.82
C HIS B 114 19.14 -33.62 -6.41
N ASN B 115 18.98 -32.31 -6.23
CA ASN B 115 19.25 -31.68 -4.95
C ASN B 115 18.22 -30.61 -4.65
N LEU B 116 17.05 -30.75 -5.27
CA LEU B 116 16.00 -29.75 -5.11
C LEU B 116 14.64 -30.44 -5.07
N LEU B 117 13.98 -30.40 -3.91
CA LEU B 117 12.64 -30.99 -3.80
C LEU B 117 11.60 -29.90 -3.96
N VAL B 118 10.74 -30.05 -4.95
CA VAL B 118 9.72 -29.05 -5.24
C VAL B 118 8.38 -29.47 -4.71
N CYS B 119 7.82 -28.63 -3.83
CA CYS B 119 6.45 -28.83 -3.38
C CYS B 119 5.54 -27.89 -4.16
N SER B 120 4.74 -28.45 -5.05
CA SER B 120 3.81 -27.67 -5.85
C SER B 120 2.45 -27.63 -5.18
N VAL B 121 1.99 -26.43 -4.87
CA VAL B 121 0.70 -26.24 -4.22
C VAL B 121 -0.16 -25.38 -5.15
N SER B 122 -1.21 -25.95 -5.72
CA SER B 122 -1.90 -25.25 -6.81
C SER B 122 -3.41 -25.32 -6.77
N GLY B 123 -4.03 -24.41 -7.54
CA GLY B 123 -5.47 -24.39 -7.72
C GLY B 123 -6.27 -23.92 -6.53
N PHE B 124 -5.64 -23.27 -5.56
CA PHE B 124 -6.34 -22.96 -4.32
C PHE B 124 -6.91 -21.55 -4.23
N TYR B 125 -7.87 -21.38 -3.32
CA TYR B 125 -8.47 -20.08 -3.05
C TYR B 125 -9.03 -20.08 -1.62
N PRO B 126 -8.78 -19.00 -0.85
CA PRO B 126 -8.11 -17.73 -1.18
C PRO B 126 -6.58 -17.81 -1.24
N GLY B 127 -5.94 -16.66 -1.45
CA GLY B 127 -4.49 -16.57 -1.63
C GLY B 127 -3.58 -16.98 -0.49
N SER B 128 -4.02 -16.81 0.74
CA SER B 128 -3.16 -17.04 1.90
C SER B 128 -2.77 -18.51 2.00
N ILE B 129 -1.47 -18.76 2.12
CA ILE B 129 -1.00 -20.14 2.21
C ILE B 129 0.29 -20.18 3.02
N GLU B 130 0.52 -21.31 3.67
CA GLU B 130 1.75 -21.54 4.41
C GLU B 130 2.27 -22.91 4.06
N VAL B 131 3.50 -22.96 3.58
CA VAL B 131 4.11 -24.22 3.19
C VAL B 131 5.42 -24.43 3.95
N ARG B 132 5.56 -25.59 4.58
CA ARG B 132 6.75 -25.90 5.38
C ARG B 132 7.33 -27.25 4.98
N TRP B 133 8.65 -27.37 5.09
CA TRP B 133 9.33 -28.62 4.74
C TRP B 133 9.83 -29.33 5.98
N PHE B 134 9.70 -30.66 6.00
CA PHE B 134 10.22 -31.48 7.10
C PHE B 134 11.12 -32.58 6.56
N ARG B 135 12.19 -32.88 7.30
CA ARG B 135 13.04 -34.03 7.02
C ARG B 135 12.98 -34.98 8.22
N ASN B 136 12.54 -36.22 7.96
CA ASN B 136 12.33 -37.21 9.01
C ASN B 136 11.58 -36.63 10.22
N GLY B 137 10.51 -35.87 9.94
CA GLY B 137 9.67 -35.32 10.99
C GLY B 137 10.25 -34.10 11.69
N GLN B 138 11.35 -33.58 11.17
CA GLN B 138 11.97 -32.38 11.73
C GLN B 138 11.90 -31.23 10.72
N GLU B 139 11.40 -30.07 11.16
CA GLU B 139 11.21 -28.95 10.24
C GLU B 139 12.55 -28.42 9.70
N GLU B 140 12.63 -28.28 8.39
CA GLU B 140 13.83 -27.73 7.77
C GLU B 140 13.55 -26.31 7.30
N LYS B 141 14.21 -25.34 7.90
CA LYS B 141 14.00 -23.93 7.56
C LYS B 141 15.11 -23.37 6.69
N THR B 142 16.17 -24.16 6.50
CA THR B 142 17.33 -23.72 5.74
C THR B 142 17.25 -24.22 4.29
N GLY B 143 17.68 -23.39 3.35
CA GLY B 143 17.71 -23.80 1.96
C GLY B 143 16.36 -23.83 1.28
N VAL B 144 15.42 -23.06 1.81
CA VAL B 144 14.08 -22.99 1.22
C VAL B 144 13.91 -21.74 0.36
N VAL B 145 13.44 -21.93 -0.87
CA VAL B 145 13.23 -20.83 -1.79
C VAL B 145 11.89 -21.05 -2.49
N SER B 146 11.23 -19.97 -2.89
CA SER B 146 9.90 -20.08 -3.44
C SER B 146 9.64 -19.12 -4.59
N THR B 147 8.61 -19.43 -5.37
CA THR B 147 8.11 -18.50 -6.38
C THR B 147 7.42 -17.33 -5.68
N GLY B 148 7.02 -17.53 -4.43
CA GLY B 148 6.12 -16.61 -3.77
C GLY B 148 4.71 -16.99 -4.20
N LEU B 149 3.72 -16.20 -3.79
CA LEU B 149 2.34 -16.48 -4.14
C LEU B 149 2.05 -16.07 -5.57
N ILE B 150 1.63 -17.02 -6.40
CA ILE B 150 1.32 -16.74 -7.79
C ILE B 150 -0.18 -16.68 -8.02
N HIS B 151 -0.66 -15.55 -8.53
CA HIS B 151 -2.06 -15.42 -8.90
C HIS B 151 -2.27 -15.87 -10.34
N ASN B 152 -3.21 -16.77 -10.58
CA ASN B 152 -3.45 -17.28 -11.94
C ASN B 152 -4.47 -16.45 -12.70
N GLY B 153 -5.01 -15.44 -12.04
CA GLY B 153 -5.92 -14.48 -12.65
C GLY B 153 -7.33 -15.00 -12.88
N ASP B 154 -7.63 -16.16 -12.30
CA ASP B 154 -8.89 -16.84 -12.55
C ASP B 154 -9.55 -17.35 -11.26
N TRP B 155 -9.38 -16.62 -10.17
CA TRP B 155 -9.87 -17.01 -8.85
C TRP B 155 -9.21 -18.29 -8.34
N THR B 156 -7.99 -18.55 -8.81
CA THR B 156 -7.12 -19.56 -8.19
C THR B 156 -5.70 -19.03 -8.06
N PHE B 157 -4.94 -19.65 -7.15
CA PHE B 157 -3.55 -19.30 -6.88
C PHE B 157 -2.69 -20.56 -6.92
N GLN B 158 -1.37 -20.37 -6.96
CA GLN B 158 -0.45 -21.47 -6.79
C GLN B 158 0.87 -21.00 -6.21
N THR B 159 1.73 -21.94 -5.81
CA THR B 159 3.08 -21.58 -5.42
C THR B 159 3.96 -22.81 -5.53
N LEU B 160 5.25 -22.56 -5.75
CA LEU B 160 6.25 -23.62 -5.64
C LEU B 160 7.15 -23.30 -4.46
N VAL B 161 7.32 -24.26 -3.57
CA VAL B 161 8.21 -24.08 -2.43
C VAL B 161 9.26 -25.17 -2.51
N MET B 162 10.51 -24.73 -2.67
CA MET B 162 11.57 -25.67 -2.98
C MET B 162 12.57 -25.81 -1.86
N LEU B 163 13.00 -27.04 -1.62
CA LEU B 163 13.99 -27.32 -0.59
C LEU B 163 15.29 -27.78 -1.23
N GLU B 164 16.36 -27.02 -1.04
CA GLU B 164 17.65 -27.47 -1.52
C GLU B 164 18.26 -28.42 -0.49
N THR B 165 18.48 -29.66 -0.89
CA THR B 165 18.92 -30.67 0.05
C THR B 165 19.62 -31.79 -0.72
N VAL B 166 20.49 -32.51 -0.03
CA VAL B 166 21.12 -33.69 -0.60
C VAL B 166 20.48 -34.93 0.01
N PRO B 167 19.55 -35.55 -0.73
CA PRO B 167 18.84 -36.73 -0.22
C PRO B 167 19.76 -37.91 0.03
N ARG B 168 19.62 -38.52 1.20
CA ARG B 168 20.33 -39.74 1.53
C ARG B 168 19.33 -40.85 1.57
N SER B 169 19.78 -42.07 1.26
CA SER B 169 18.89 -43.23 1.23
C SER B 169 18.15 -43.40 2.56
N GLY B 170 16.85 -43.63 2.47
CA GLY B 170 16.04 -43.88 3.65
C GLY B 170 15.37 -42.64 4.20
N GLU B 171 15.79 -41.48 3.71
CA GLU B 171 15.24 -40.21 4.17
C GLU B 171 13.80 -40.03 3.66
N VAL B 172 12.93 -39.56 4.54
CA VAL B 172 11.57 -39.20 4.16
C VAL B 172 11.35 -37.71 4.33
N TYR B 173 11.01 -37.02 3.26
CA TYR B 173 10.73 -35.59 3.32
C TYR B 173 9.24 -35.35 3.28
N THR B 174 8.78 -34.35 4.03
CA THR B 174 7.35 -34.06 4.04
C THR B 174 7.09 -32.61 3.72
N CYS B 175 6.21 -32.37 2.75
CA CYS B 175 5.73 -31.02 2.52
C CYS B 175 4.41 -30.82 3.26
N GLN B 176 4.32 -29.76 4.05
CA GLN B 176 3.13 -29.49 4.85
C GLN B 176 2.49 -28.16 4.44
N VAL B 177 1.19 -28.19 4.19
CA VAL B 177 0.46 -27.02 3.68
C VAL B 177 -0.70 -26.62 4.58
N GLU B 178 -0.74 -25.35 4.95
CA GLU B 178 -1.86 -24.80 5.70
C GLU B 178 -2.56 -23.76 4.83
N HIS B 179 -3.88 -23.74 4.90
CA HIS B 179 -4.72 -22.94 4.02
C HIS B 179 -6.09 -22.83 4.67
N PRO B 180 -6.79 -21.70 4.47
CA PRO B 180 -8.08 -21.53 5.16
C PRO B 180 -9.13 -22.59 4.81
N SER B 181 -8.96 -23.32 3.71
CA SER B 181 -9.91 -24.36 3.33
C SER B 181 -9.79 -25.62 4.21
N VAL B 182 -8.70 -25.76 4.96
CA VAL B 182 -8.53 -26.93 5.82
C VAL B 182 -8.26 -26.55 7.28
N THR B 183 -8.66 -27.41 8.22
CA THR B 183 -8.43 -27.14 9.64
C THR B 183 -7.35 -28.07 10.18
N SER B 184 -6.82 -28.91 9.30
CA SER B 184 -5.69 -29.76 9.61
C SER B 184 -4.76 -29.70 8.40
N PRO B 185 -3.44 -29.64 8.64
CA PRO B 185 -2.51 -29.44 7.53
C PRO B 185 -2.53 -30.58 6.51
N LEU B 186 -2.42 -30.24 5.24
CA LEU B 186 -2.22 -31.25 4.22
C LEU B 186 -0.75 -31.60 4.17
N THR B 187 -0.44 -32.88 4.06
CA THR B 187 0.94 -33.34 3.98
C THR B 187 1.15 -34.26 2.78
N VAL B 188 2.33 -34.16 2.16
CA VAL B 188 2.73 -35.09 1.12
C VAL B 188 4.17 -35.54 1.38
N GLU B 189 4.40 -36.85 1.40
CA GLU B 189 5.73 -37.37 1.65
C GLU B 189 6.47 -37.67 0.35
N TRP B 190 7.79 -37.52 0.38
CA TRP B 190 8.65 -37.92 -0.73
C TRP B 190 9.84 -38.69 -0.16
N ARG B 191 10.11 -39.87 -0.72
CA ARG B 191 11.19 -40.72 -0.22
C ARG B 191 12.34 -40.84 -1.20
N ALA B 192 13.56 -40.78 -0.67
CA ALA B 192 14.77 -40.87 -1.49
C ALA B 192 15.02 -42.30 -1.95
N GLU C 3 -2.68 -6.80 7.69
CA GLU C 3 -1.73 -7.09 8.76
C GLU C 3 -2.14 -6.40 10.06
N GLU C 4 -1.62 -6.91 11.16
CA GLU C 4 -1.95 -6.42 12.49
C GLU C 4 -0.97 -5.31 12.91
N HIS C 5 0.31 -5.56 12.68
CA HIS C 5 1.33 -4.55 12.99
C HIS C 5 2.46 -4.62 11.98
N VAL C 6 3.16 -3.50 11.83
CA VAL C 6 4.34 -3.42 10.98
C VAL C 6 5.47 -2.72 11.72
N ILE C 7 6.64 -3.34 11.75
CA ILE C 7 7.82 -2.71 12.30
C ILE C 7 8.80 -2.43 11.15
N ILE C 8 9.24 -1.18 11.04
CA ILE C 8 10.15 -0.82 9.96
C ILE C 8 11.43 -0.20 10.49
N GLN C 9 12.56 -0.72 10.03
CA GLN C 9 13.86 -0.11 10.26
C GLN C 9 14.20 0.68 9.00
N ALA C 10 14.50 1.96 9.16
CA ALA C 10 14.75 2.83 8.02
C ALA C 10 16.05 3.59 8.21
N GLU C 11 16.85 3.66 7.14
CA GLU C 11 18.16 4.29 7.24
C GLU C 11 18.50 5.00 5.92
N PHE C 12 19.21 6.11 6.00
CA PHE C 12 19.67 6.75 4.78
C PHE C 12 21.01 7.45 4.96
N TYR C 13 21.65 7.72 3.83
CA TYR C 13 22.83 8.55 3.78
C TYR C 13 22.66 9.48 2.59
N LEU C 14 22.98 10.75 2.77
CA LEU C 14 22.75 11.76 1.75
C LEU C 14 23.99 12.56 1.41
N ASN C 15 24.33 12.64 0.13
CA ASN C 15 25.42 13.51 -0.35
C ASN C 15 24.82 14.71 -1.08
N PRO C 16 25.53 15.86 -1.07
CA PRO C 16 26.84 16.10 -0.47
C PRO C 16 26.78 16.48 1.01
N ASP C 17 25.58 16.46 1.58
CA ASP C 17 25.38 16.91 2.96
C ASP C 17 26.12 16.05 3.98
N GLN C 18 26.39 14.80 3.62
CA GLN C 18 27.00 13.82 4.52
C GLN C 18 26.14 13.64 5.77
N SER C 19 24.83 13.56 5.56
CA SER C 19 23.92 13.32 6.68
CA SER C 19 23.88 13.34 6.65
C SER C 19 23.37 11.91 6.60
N GLY C 20 23.24 11.29 7.78
CA GLY C 20 22.72 9.94 7.86
C GLY C 20 21.74 9.80 9.01
N GLU C 21 20.83 8.86 8.87
CA GLU C 21 19.85 8.61 9.92
C GLU C 21 19.51 7.13 9.98
N PHE C 22 19.26 6.64 11.19
CA PHE C 22 18.87 5.25 11.42
C PHE C 22 17.74 5.29 12.44
N MET C 23 16.61 4.66 12.12
CA MET C 23 15.49 4.68 13.04
C MET C 23 14.62 3.44 12.91
N PHE C 24 13.85 3.16 13.98
CA PHE C 24 12.84 2.12 13.98
C PHE C 24 11.45 2.75 14.10
N ASP C 25 10.51 2.19 13.34
CA ASP C 25 9.14 2.67 13.29
C ASP C 25 8.19 1.53 13.65
N PHE C 26 7.21 1.82 14.50
CA PHE C 26 6.13 0.88 14.82
C PHE C 26 4.78 1.50 14.45
N ASP C 27 4.10 0.90 13.46
CA ASP C 27 2.79 1.37 12.99
C ASP C 27 2.72 2.88 12.74
N GLY C 28 3.80 3.47 12.24
CA GLY C 28 3.81 4.88 11.91
C GLY C 28 4.44 5.78 12.95
N ASP C 29 4.72 5.24 14.14
CA ASP C 29 5.40 5.99 15.19
C ASP C 29 6.85 5.56 15.31
N GLU C 30 7.70 6.51 15.69
CA GLU C 30 9.12 6.23 15.89
C GLU C 30 9.36 5.57 17.24
N ILE C 31 10.07 4.45 17.26
CA ILE C 31 10.47 3.85 18.52
C ILE C 31 11.74 4.54 19.02
N PHE C 32 12.74 4.61 18.16
CA PHE C 32 13.98 5.29 18.49
C PHE C 32 14.73 5.66 17.22
N HIS C 33 15.75 6.51 17.36
CA HIS C 33 16.71 6.76 16.31
C HIS C 33 18.09 6.84 16.95
N VAL C 34 19.12 6.85 16.13
CA VAL C 34 20.48 6.91 16.65
C VAL C 34 21.08 8.27 16.37
N ASP C 35 21.46 8.95 17.45
CA ASP C 35 22.20 10.20 17.37
C ASP C 35 23.58 9.87 16.82
N MET C 36 23.81 10.23 15.56
CA MET C 36 25.06 9.93 14.89
C MET C 36 26.24 10.66 15.53
N ALA C 37 26.00 11.88 16.00
CA ALA C 37 27.06 12.66 16.65
C ALA C 37 27.48 12.02 17.96
N LYS C 38 26.51 11.76 18.83
CA LYS C 38 26.80 11.22 20.16
C LYS C 38 26.96 9.70 20.13
N LYS C 39 26.64 9.09 18.99
CA LYS C 39 26.66 7.64 18.84
C LYS C 39 25.83 7.00 19.94
N GLU C 40 24.61 7.51 20.12
CA GLU C 40 23.73 7.07 21.19
C GLU C 40 22.30 6.85 20.70
N THR C 41 21.59 5.93 21.35
CA THR C 41 20.20 5.67 21.07
C THR C 41 19.32 6.73 21.72
N VAL C 42 18.40 7.28 20.93
CA VAL C 42 17.45 8.27 21.43
C VAL C 42 16.02 7.73 21.34
N TRP C 43 15.42 7.40 22.47
CA TRP C 43 14.08 6.83 22.48
C TRP C 43 13.02 7.93 22.28
N ARG C 44 11.99 7.66 21.49
CA ARG C 44 11.00 8.67 21.15
C ARG C 44 10.23 9.11 22.39
N LEU C 45 9.87 8.14 23.22
CA LEU C 45 9.35 8.42 24.56
C LEU C 45 10.36 7.91 25.57
N GLU C 46 10.68 8.73 26.56
CA GLU C 46 11.73 8.43 27.54
C GLU C 46 11.58 7.05 28.18
N GLU C 47 10.36 6.69 28.50
CA GLU C 47 10.07 5.43 29.18
C GLU C 47 10.47 4.18 28.39
N PHE C 48 10.53 4.28 27.06
CA PHE C 48 10.93 3.16 26.22
C PHE C 48 12.30 2.59 26.61
N GLY C 49 13.22 3.49 26.94
CA GLY C 49 14.58 3.10 27.29
C GLY C 49 14.68 2.28 28.56
N ARG C 50 13.60 2.26 29.34
CA ARG C 50 13.58 1.50 30.60
C ARG C 50 13.11 0.07 30.35
N PHE C 51 12.53 -0.18 29.19
CA PHE C 51 11.97 -1.49 28.87
C PHE C 51 12.82 -2.21 27.82
N ALA C 52 13.64 -1.45 27.10
CA ALA C 52 14.41 -2.03 26.00
C ALA C 52 15.75 -1.35 25.82
N SER C 53 16.61 -1.95 25.00
CA SER C 53 17.91 -1.35 24.70
C SER C 53 18.29 -1.59 23.24
N PHE C 54 19.39 -0.99 22.82
CA PHE C 54 19.85 -1.09 21.44
C PHE C 54 21.34 -0.79 21.38
N GLU C 55 22.07 -1.55 20.57
CA GLU C 55 23.48 -1.26 20.36
C GLU C 55 23.63 -0.31 19.18
N ALA C 56 23.91 0.96 19.47
CA ALA C 56 23.97 1.99 18.44
C ALA C 56 25.05 1.72 17.38
N GLN C 57 26.07 0.94 17.74
CA GLN C 57 27.16 0.65 16.81
C GLN C 57 26.65 -0.09 15.58
N GLY C 58 25.57 -0.86 15.74
CA GLY C 58 24.96 -1.54 14.62
C GLY C 58 24.40 -0.56 13.60
N ALA C 59 23.86 0.55 14.09
CA ALA C 59 23.33 1.60 13.23
C ALA C 59 24.45 2.30 12.49
N LEU C 60 25.53 2.62 13.20
CA LEU C 60 26.68 3.29 12.60
C LEU C 60 27.29 2.43 11.48
N ALA C 61 27.33 1.12 11.70
CA ALA C 61 27.85 0.21 10.69
C ALA C 61 26.99 0.25 9.44
N ASN C 62 25.68 0.23 9.62
CA ASN C 62 24.74 0.31 8.50
C ASN C 62 24.88 1.62 7.74
N ILE C 63 25.09 2.72 8.46
CA ILE C 63 25.24 4.02 7.82
C ILE C 63 26.48 4.02 6.92
N ALA C 64 27.56 3.42 7.40
CA ALA C 64 28.80 3.30 6.61
C ALA C 64 28.55 2.46 5.35
N VAL C 65 27.71 1.44 5.48
CA VAL C 65 27.30 0.65 4.33
C VAL C 65 26.48 1.50 3.36
N ASP C 66 25.53 2.26 3.90
CA ASP C 66 24.72 3.17 3.09
C ASP C 66 25.60 4.14 2.32
N LYS C 67 26.62 4.68 2.98
CA LYS C 67 27.55 5.59 2.33
C LYS C 67 28.26 4.92 1.16
N ALA C 68 28.74 3.69 1.37
CA ALA C 68 29.42 2.95 0.31
C ALA C 68 28.46 2.65 -0.84
N ASN C 69 27.23 2.29 -0.51
CA ASN C 69 26.23 1.97 -1.52
C ASN C 69 25.84 3.20 -2.33
N LEU C 70 25.85 4.36 -1.69
CA LEU C 70 25.56 5.62 -2.37
C LEU C 70 26.59 5.90 -3.44
N GLU C 71 27.87 5.70 -3.13
CA GLU C 71 28.92 5.94 -4.11
CA GLU C 71 28.93 5.94 -4.10
C GLU C 71 28.77 5.01 -5.30
N ILE C 72 28.48 3.74 -5.02
CA ILE C 72 28.27 2.75 -6.07
C ILE C 72 27.09 3.13 -6.98
N MET C 73 25.97 3.48 -6.36
CA MET C 73 24.76 3.81 -7.11
C MET C 73 24.88 5.12 -7.90
N THR C 74 25.59 6.09 -7.34
CA THR C 74 25.75 7.37 -8.00
C THR C 74 26.51 7.17 -9.32
N LYS C 75 27.50 6.28 -9.28
CA LYS C 75 28.28 5.94 -10.48
C LYS C 75 27.42 5.21 -11.51
N ARG C 76 26.65 4.25 -11.01
CA ARG C 76 25.83 3.38 -11.84
C ARG C 76 24.73 4.16 -12.56
N SER C 77 24.23 5.21 -11.92
CA SER C 77 23.15 6.01 -12.46
C SER C 77 23.67 7.23 -13.22
N ASN C 78 24.99 7.31 -13.36
CA ASN C 78 25.65 8.40 -14.07
C ASN C 78 25.36 9.75 -13.43
N TYR C 79 25.44 9.76 -12.10
CA TYR C 79 25.32 10.99 -11.30
C TYR C 79 23.99 11.71 -11.52
N THR C 80 22.93 10.93 -11.68
CA THR C 80 21.58 11.46 -11.75
C THR C 80 21.18 12.00 -10.38
N PRO C 81 20.85 13.29 -10.30
CA PRO C 81 20.47 13.88 -9.02
C PRO C 81 19.04 13.55 -8.64
N ILE C 82 18.75 13.59 -7.35
CA ILE C 82 17.40 13.37 -6.89
C ILE C 82 16.51 14.54 -7.30
N THR C 83 15.26 14.24 -7.63
CA THR C 83 14.29 15.27 -7.94
C THR C 83 13.67 15.78 -6.65
N ASN C 84 13.68 17.10 -6.46
CA ASN C 84 13.07 17.67 -5.27
C ASN C 84 11.56 17.47 -5.25
N VAL C 85 11.03 16.98 -4.14
CA VAL C 85 9.59 16.96 -3.93
C VAL C 85 9.30 17.83 -2.71
N PRO C 86 8.66 18.99 -2.93
CA PRO C 86 8.39 19.93 -1.84
C PRO C 86 7.31 19.42 -0.89
N PRO C 87 7.39 19.81 0.38
CA PRO C 87 6.45 19.23 1.35
C PRO C 87 5.08 19.88 1.39
N GLU C 88 4.14 19.14 1.97
CA GLU C 88 2.86 19.68 2.38
C GLU C 88 3.06 20.07 3.82
N VAL C 89 2.50 21.19 4.25
CA VAL C 89 2.66 21.60 5.64
C VAL C 89 1.32 21.87 6.31
N THR C 90 1.15 21.35 7.52
CA THR C 90 -0.07 21.51 8.28
C THR C 90 0.26 21.92 9.71
N VAL C 91 -0.40 22.97 10.19
CA VAL C 91 -0.27 23.40 11.59
C VAL C 91 -1.56 23.12 12.36
N LEU C 92 -1.44 22.47 13.51
CA LEU C 92 -2.60 22.19 14.35
C LEU C 92 -2.17 22.23 15.81
N THR C 93 -3.13 22.14 16.72
CA THR C 93 -2.82 22.08 18.14
C THR C 93 -3.04 20.67 18.65
N ASN C 94 -2.42 20.35 19.78
CA ASN C 94 -2.52 19.03 20.42
C ASN C 94 -3.93 18.74 20.92
N SER C 95 -4.65 19.80 21.25
CA SER C 95 -5.99 19.69 21.82
C SER C 95 -6.74 20.99 21.57
N PRO C 96 -8.09 20.97 21.72
CA PRO C 96 -8.88 22.19 21.58
C PRO C 96 -8.31 23.35 22.39
N VAL C 97 -8.30 24.53 21.79
CA VAL C 97 -7.63 25.67 22.39
C VAL C 97 -8.56 26.42 23.35
N GLU C 98 -8.07 26.65 24.55
CA GLU C 98 -8.75 27.50 25.52
C GLU C 98 -7.77 28.56 26.02
N LEU C 99 -8.24 29.81 26.10
CA LEU C 99 -7.39 30.92 26.50
C LEU C 99 -6.69 30.64 27.83
N ARG C 100 -5.39 30.92 27.84
CA ARG C 100 -4.55 30.78 29.04
C ARG C 100 -4.47 29.36 29.56
N GLU C 101 -4.81 28.39 28.72
CA GLU C 101 -4.63 26.99 29.07
C GLU C 101 -3.54 26.41 28.20
N PRO C 102 -2.41 26.04 28.82
CA PRO C 102 -1.21 25.53 28.14
C PRO C 102 -1.55 24.51 27.05
N ASN C 103 -0.95 24.69 25.87
CA ASN C 103 -1.22 23.84 24.72
C ASN C 103 0.06 23.64 23.92
N VAL C 104 -0.02 22.91 22.81
CA VAL C 104 1.15 22.67 21.97
C VAL C 104 0.79 22.84 20.50
N LEU C 105 1.54 23.70 19.80
CA LEU C 105 1.41 23.81 18.36
C LEU C 105 2.22 22.72 17.69
N ILE C 106 1.62 22.10 16.68
CA ILE C 106 2.27 21.03 15.94
C ILE C 106 2.43 21.46 14.48
N CYS C 107 3.65 21.37 13.97
CA CYS C 107 3.88 21.60 12.55
C CYS C 107 4.25 20.28 11.90
N PHE C 108 3.35 19.79 11.05
CA PHE C 108 3.54 18.50 10.38
C PHE C 108 4.00 18.70 8.95
N ILE C 109 5.23 18.28 8.67
CA ILE C 109 5.83 18.43 7.36
C ILE C 109 5.84 17.08 6.66
N ASP C 110 5.23 17.01 5.49
CA ASP C 110 4.85 15.71 4.91
C ASP C 110 5.13 15.61 3.41
N LYS C 111 5.39 14.38 2.95
CA LYS C 111 5.45 14.05 1.52
C LYS C 111 6.55 14.78 0.78
N PHE C 112 7.75 14.80 1.34
CA PHE C 112 8.86 15.51 0.73
C PHE C 112 10.12 14.64 0.62
N THR C 113 11.00 15.06 -0.28
CA THR C 113 12.33 14.51 -0.38
C THR C 113 13.14 15.52 -1.19
N PRO C 114 14.47 15.62 -0.94
CA PRO C 114 15.28 14.86 0.02
C PRO C 114 14.98 15.23 1.47
N PRO C 115 15.39 14.37 2.41
CA PRO C 115 15.14 14.63 3.83
C PRO C 115 16.05 15.73 4.39
N VAL C 116 15.82 16.96 3.92
CA VAL C 116 16.51 18.15 4.43
C VAL C 116 15.51 19.30 4.47
N VAL C 117 15.37 19.92 5.63
CA VAL C 117 14.40 21.00 5.76
C VAL C 117 14.85 22.01 6.81
N ASN C 118 14.52 23.28 6.60
CA ASN C 118 14.67 24.28 7.65
C ASN C 118 13.29 24.67 8.15
N VAL C 119 13.09 24.56 9.47
CA VAL C 119 11.80 24.85 10.06
C VAL C 119 11.96 25.91 11.16
N THR C 120 11.15 26.96 11.09
CA THR C 120 11.19 28.02 12.09
C THR C 120 9.80 28.28 12.63
N TRP C 121 9.67 28.33 13.95
CA TRP C 121 8.43 28.81 14.55
C TRP C 121 8.47 30.33 14.66
N LEU C 122 7.40 30.98 14.23
CA LEU C 122 7.30 32.43 14.32
C LEU C 122 6.16 32.83 15.24
N ARG C 123 6.45 33.66 16.24
CA ARG C 123 5.40 34.25 17.06
C ARG C 123 5.31 35.75 16.75
N ASN C 124 4.18 36.17 16.21
CA ASN C 124 4.00 37.56 15.75
C ASN C 124 5.14 37.97 14.81
N GLY C 125 5.51 37.07 13.92
CA GLY C 125 6.53 37.35 12.93
C GLY C 125 7.95 37.20 13.45
N LYS C 126 8.10 36.83 14.72
CA LYS C 126 9.42 36.71 15.32
C LYS C 126 9.77 35.25 15.58
N PRO C 127 11.00 34.85 15.21
CA PRO C 127 11.47 33.49 15.45
C PRO C 127 11.48 33.18 16.93
N VAL C 128 10.90 32.04 17.31
CA VAL C 128 10.89 31.63 18.72
C VAL C 128 11.44 30.22 18.84
N THR C 129 12.23 29.97 19.88
CA THR C 129 12.88 28.68 20.05
C THR C 129 12.67 28.11 21.44
N THR C 130 11.96 28.85 22.29
CA THR C 130 11.79 28.44 23.67
C THR C 130 10.90 27.21 23.75
N GLY C 131 11.48 26.11 24.21
CA GLY C 131 10.73 24.90 24.44
C GLY C 131 10.42 24.10 23.19
N VAL C 132 10.94 24.54 22.05
CA VAL C 132 10.64 23.84 20.79
C VAL C 132 11.31 22.47 20.77
N SER C 133 10.72 21.55 20.00
CA SER C 133 11.30 20.24 19.81
C SER C 133 10.91 19.71 18.43
N GLU C 134 11.54 18.63 18.00
CA GLU C 134 11.30 18.10 16.67
C GLU C 134 11.64 16.62 16.60
N THR C 135 11.16 15.96 15.56
CA THR C 135 11.51 14.58 15.29
C THR C 135 12.54 14.51 14.18
N VAL C 136 13.12 13.33 13.98
CA VAL C 136 13.93 13.11 12.80
C VAL C 136 12.99 12.87 11.63
N PHE C 137 13.55 12.49 10.49
CA PHE C 137 12.74 12.25 9.30
C PHE C 137 12.12 10.86 9.35
N LEU C 138 10.80 10.82 9.27
CA LEU C 138 10.05 9.58 9.43
C LEU C 138 9.65 9.01 8.08
N PRO C 139 9.63 7.66 7.96
CA PRO C 139 9.32 6.98 6.70
C PRO C 139 7.85 7.02 6.31
N ARG C 140 7.60 6.88 5.01
CA ARG C 140 6.25 6.76 4.46
C ARG C 140 6.21 5.55 3.56
N GLU C 141 5.02 5.03 3.30
CA GLU C 141 4.86 3.91 2.39
C GLU C 141 5.25 4.27 0.94
N ASP C 142 5.22 5.57 0.60
CA ASP C 142 5.62 5.99 -0.75
C ASP C 142 7.06 6.50 -0.78
N HIS C 143 7.79 6.25 0.31
CA HIS C 143 9.23 6.51 0.40
C HIS C 143 9.61 8.00 0.39
N LEU C 144 8.60 8.86 0.51
CA LEU C 144 8.84 10.26 0.85
C LEU C 144 8.95 10.32 2.37
N PHE C 145 9.16 11.51 2.91
CA PHE C 145 9.43 11.63 4.35
C PHE C 145 8.40 12.49 5.10
N ARG C 146 8.33 12.25 6.41
CA ARG C 146 7.49 13.01 7.33
C ARG C 146 8.38 13.63 8.39
N LYS C 147 7.90 14.71 9.01
CA LYS C 147 8.63 15.32 10.12
C LYS C 147 7.67 16.12 10.98
N PHE C 148 7.87 16.10 12.30
CA PHE C 148 7.07 16.90 13.21
C PHE C 148 7.92 17.90 13.99
N HIS C 149 7.42 19.12 14.12
CA HIS C 149 8.00 20.12 15.00
C HIS C 149 6.94 20.58 15.99
N TYR C 150 7.38 20.89 17.21
CA TYR C 150 6.46 21.22 18.30
C TYR C 150 6.79 22.54 18.98
N LEU C 151 5.76 23.24 19.42
CA LEU C 151 5.95 24.47 20.19
C LEU C 151 4.89 24.60 21.29
N PRO C 152 5.29 24.35 22.54
CA PRO C 152 4.38 24.62 23.64
C PRO C 152 4.05 26.11 23.70
N PHE C 153 2.83 26.47 24.08
CA PHE C 153 2.45 27.88 24.16
C PHE C 153 1.24 28.09 25.05
N LEU C 154 1.08 29.34 25.47
CA LEU C 154 -0.08 29.80 26.22
C LEU C 154 -0.99 30.56 25.29
N PRO C 155 -2.14 29.98 24.93
CA PRO C 155 -3.09 30.59 24.00
C PRO C 155 -3.53 31.98 24.43
N SER C 156 -3.55 32.92 23.50
CA SER C 156 -3.98 34.28 23.78
C SER C 156 -4.57 34.90 22.52
N THR C 157 -5.26 36.01 22.70
CA THR C 157 -5.89 36.69 21.57
C THR C 157 -4.91 37.61 20.87
N GLU C 158 -3.79 37.88 21.51
CA GLU C 158 -2.82 38.84 20.97
C GLU C 158 -1.57 38.18 20.38
N ASP C 159 -1.58 36.86 20.27
CA ASP C 159 -0.47 36.16 19.65
C ASP C 159 -0.90 35.42 18.39
N VAL C 160 -0.13 35.55 17.32
CA VAL C 160 -0.32 34.72 16.14
C VAL C 160 0.94 33.90 15.91
N TYR C 161 0.79 32.77 15.25
CA TYR C 161 1.92 31.90 15.02
C TYR C 161 2.01 31.45 13.57
N ASP C 162 3.22 31.16 13.13
CA ASP C 162 3.44 30.56 11.82
C ASP C 162 4.50 29.49 11.94
N CYS C 163 4.33 28.40 11.19
CA CYS C 163 5.42 27.48 10.95
C CYS C 163 5.99 27.79 9.58
N ARG C 164 7.26 28.14 9.52
CA ARG C 164 7.93 28.48 8.26
C ARG C 164 8.83 27.34 7.82
N VAL C 165 8.58 26.82 6.63
CA VAL C 165 9.32 25.67 6.12
C VAL C 165 10.08 25.98 4.85
N GLU C 166 11.38 25.74 4.88
CA GLU C 166 12.24 25.90 3.71
C GLU C 166 12.63 24.53 3.19
N HIS C 167 12.52 24.34 1.87
CA HIS C 167 12.90 23.09 1.22
C HIS C 167 13.32 23.42 -0.21
N TRP C 168 14.30 22.70 -0.73
CA TRP C 168 14.85 23.00 -2.06
C TRP C 168 13.82 22.89 -3.18
N GLY C 169 12.73 22.16 -2.91
CA GLY C 169 11.64 22.04 -3.86
C GLY C 169 10.68 23.22 -3.85
N LEU C 170 10.84 24.10 -2.87
CA LEU C 170 10.03 25.31 -2.74
C LEU C 170 10.75 26.55 -3.25
N ASP C 171 10.04 27.41 -3.98
CA ASP C 171 10.62 28.66 -4.50
C ASP C 171 10.85 29.69 -3.39
N GLU C 172 9.87 29.82 -2.51
CA GLU C 172 9.97 30.71 -1.35
C GLU C 172 9.59 29.91 -0.11
N PRO C 173 9.95 30.41 1.08
CA PRO C 173 9.56 29.68 2.29
C PRO C 173 8.04 29.55 2.40
N LEU C 174 7.57 28.41 2.89
CA LEU C 174 6.16 28.15 3.04
C LEU C 174 5.73 28.42 4.48
N LEU C 175 4.81 29.36 4.69
CA LEU C 175 4.31 29.65 6.02
C LEU C 175 2.89 29.13 6.20
N LYS C 176 2.69 28.34 7.25
CA LYS C 176 1.34 27.91 7.64
C LYS C 176 1.00 28.57 8.96
N HIS C 177 -0.19 29.17 9.00
CA HIS C 177 -0.60 30.09 10.06
C HIS C 177 -1.46 29.42 11.12
N TRP C 178 -1.38 29.94 12.35
CA TRP C 178 -2.37 29.64 13.38
C TRP C 178 -2.67 30.88 14.20
N GLU C 179 -3.94 31.09 14.51
CA GLU C 179 -4.35 32.13 15.43
C GLU C 179 -5.64 31.69 16.12
N PHE C 180 -5.94 32.28 17.27
CA PHE C 180 -7.10 31.88 18.06
C PHE C 180 -8.43 31.97 17.31
N ASP C 181 -9.14 30.85 17.26
CA ASP C 181 -10.44 30.75 16.60
C ASP C 181 -11.54 31.30 17.52
N ASP D 4 21.42 26.82 -1.98
CA ASP D 4 22.23 25.66 -2.29
C ASP D 4 21.54 24.83 -3.38
N THR D 5 22.06 24.92 -4.60
CA THR D 5 21.46 24.20 -5.73
C THR D 5 22.31 23.01 -6.20
N ARG D 6 23.31 22.63 -5.41
CA ARG D 6 24.09 21.44 -5.71
C ARG D 6 23.19 20.22 -5.77
N PRO D 7 23.45 19.31 -6.72
CA PRO D 7 22.65 18.09 -6.82
C PRO D 7 22.75 17.25 -5.55
N ARG D 8 21.65 16.60 -5.16
CA ARG D 8 21.68 15.70 -4.00
C ARG D 8 21.57 14.26 -4.46
N PHE D 9 22.16 13.36 -3.68
CA PHE D 9 22.15 11.94 -3.99
C PHE D 9 21.83 11.17 -2.71
N LEU D 10 20.73 10.43 -2.73
CA LEU D 10 20.17 9.80 -1.54
C LEU D 10 20.16 8.29 -1.61
N GLU D 11 20.80 7.64 -0.64
CA GLU D 11 20.76 6.19 -0.55
C GLU D 11 19.92 5.81 0.66
N TYR D 12 18.92 4.97 0.44
CA TYR D 12 17.89 4.72 1.43
C TYR D 12 17.58 3.22 1.47
N SER D 13 17.44 2.66 2.67
CA SER D 13 17.14 1.23 2.80
C SER D 13 16.21 0.99 3.96
N THR D 14 15.26 0.07 3.76
CA THR D 14 14.33 -0.28 4.84
C THR D 14 14.26 -1.78 4.98
N SER D 15 13.92 -2.25 6.18
CA SER D 15 13.53 -3.65 6.35
C SER D 15 12.25 -3.67 7.17
N GLU D 16 11.22 -4.26 6.56
CA GLU D 16 9.88 -4.28 7.14
C GLU D 16 9.53 -5.65 7.69
N CYS D 17 8.94 -5.67 8.88
CA CYS D 17 8.38 -6.88 9.46
C CYS D 17 6.88 -6.74 9.59
N HIS D 18 6.16 -7.62 8.90
CA HIS D 18 4.69 -7.60 8.87
C HIS D 18 4.14 -8.74 9.72
N PHE D 19 3.30 -8.40 10.69
CA PHE D 19 2.78 -9.39 11.62
C PHE D 19 1.28 -9.61 11.45
N PHE D 20 0.89 -10.87 11.37
CA PHE D 20 -0.51 -11.26 11.30
C PHE D 20 -0.84 -12.19 12.46
N ASN D 21 -1.94 -11.94 13.15
CA ASN D 21 -2.36 -12.79 14.27
C ASN D 21 -1.27 -12.97 15.30
N GLY D 22 -0.83 -11.86 15.90
CA GLY D 22 0.29 -11.89 16.81
C GLY D 22 1.54 -12.15 16.00
N THR D 23 2.25 -13.23 16.30
CA THR D 23 3.44 -13.60 15.54
C THR D 23 3.25 -14.94 14.84
N GLU D 24 2.00 -15.38 14.71
CA GLU D 24 1.73 -16.64 14.03
C GLU D 24 2.18 -16.58 12.57
N ARG D 25 1.88 -15.47 11.90
CA ARG D 25 2.30 -15.27 10.51
C ARG D 25 3.14 -14.00 10.43
N VAL D 26 4.33 -14.13 9.87
CA VAL D 26 5.25 -13.00 9.78
C VAL D 26 5.89 -12.95 8.39
N ARG D 27 6.00 -11.74 7.84
CA ARG D 27 6.64 -11.55 6.55
C ARG D 27 7.72 -10.47 6.68
N PHE D 28 8.88 -10.75 6.11
CA PHE D 28 10.04 -9.86 6.16
C PHE D 28 10.30 -9.33 4.76
N LEU D 29 10.44 -8.01 4.63
CA LEU D 29 10.68 -7.37 3.34
C LEU D 29 11.79 -6.34 3.44
N GLU D 30 12.93 -6.64 2.81
CA GLU D 30 14.11 -5.78 2.80
C GLU D 30 14.15 -5.03 1.49
N ARG D 31 14.35 -3.72 1.55
CA ARG D 31 14.25 -2.89 0.35
C ARG D 31 15.42 -1.92 0.26
N TYR D 32 15.98 -1.77 -0.94
CA TYR D 32 17.05 -0.81 -1.17
C TYR D 32 16.62 0.21 -2.23
N PHE D 33 16.83 1.50 -1.92
CA PHE D 33 16.40 2.61 -2.79
C PHE D 33 17.56 3.54 -3.15
N HIS D 34 17.48 4.16 -4.32
CA HIS D 34 18.38 5.26 -4.66
C HIS D 34 17.58 6.39 -5.31
N ASN D 35 17.67 7.58 -4.72
CA ASN D 35 16.90 8.73 -5.19
C ASN D 35 15.41 8.41 -5.37
N GLN D 36 14.82 7.80 -4.36
CA GLN D 36 13.38 7.43 -4.34
C GLN D 36 13.02 6.21 -5.19
N GLU D 37 13.95 5.73 -6.01
CA GLU D 37 13.65 4.54 -6.81
C GLU D 37 14.04 3.25 -6.08
N GLU D 38 13.07 2.42 -5.74
CA GLU D 38 13.38 1.11 -5.21
C GLU D 38 14.02 0.28 -6.31
N ASN D 39 15.22 -0.24 -6.12
CA ASN D 39 15.82 -0.99 -7.23
C ASN D 39 16.08 -2.47 -6.95
N VAL D 40 16.01 -2.90 -5.69
CA VAL D 40 16.17 -4.32 -5.36
C VAL D 40 15.53 -4.63 -4.00
N ARG D 41 14.99 -5.84 -3.85
CA ARG D 41 14.33 -6.22 -2.61
C ARG D 41 14.50 -7.69 -2.27
N PHE D 42 14.41 -8.02 -0.98
CA PHE D 42 14.28 -9.40 -0.53
C PHE D 42 12.92 -9.56 0.15
N ASP D 43 12.12 -10.47 -0.39
CA ASP D 43 10.80 -10.79 0.13
C ASP D 43 10.83 -12.21 0.70
N SER D 44 10.53 -12.36 1.99
CA SER D 44 10.60 -13.68 2.64
C SER D 44 9.61 -14.68 2.04
N ASP D 45 8.61 -14.19 1.30
CA ASP D 45 7.71 -15.07 0.56
C ASP D 45 8.46 -15.79 -0.56
N VAL D 46 9.54 -15.17 -1.03
CA VAL D 46 10.33 -15.71 -2.14
C VAL D 46 11.63 -16.35 -1.65
N GLY D 47 12.38 -15.62 -0.83
CA GLY D 47 13.61 -16.16 -0.24
C GLY D 47 14.87 -15.90 -1.07
N GLU D 48 14.75 -15.02 -2.05
CA GLU D 48 15.89 -14.55 -2.82
C GLU D 48 15.68 -13.09 -3.11
N TYR D 49 16.76 -12.39 -3.44
CA TYR D 49 16.63 -11.01 -3.89
C TYR D 49 16.06 -10.96 -5.30
N ARG D 50 15.27 -9.93 -5.58
CA ARG D 50 14.75 -9.69 -6.92
C ARG D 50 15.00 -8.22 -7.29
N ALA D 51 15.48 -7.99 -8.52
CA ALA D 51 15.64 -6.63 -9.01
C ALA D 51 14.26 -6.02 -9.23
N VAL D 52 14.07 -4.80 -8.74
CA VAL D 52 12.83 -4.09 -9.01
C VAL D 52 12.98 -3.26 -10.29
N THR D 53 14.18 -2.70 -10.48
CA THR D 53 14.52 -2.02 -11.71
C THR D 53 15.84 -2.57 -12.23
N GLU D 54 16.19 -2.26 -13.48
CA GLU D 54 17.42 -2.79 -14.04
C GLU D 54 18.65 -2.33 -13.28
N LEU D 55 18.56 -1.16 -12.65
CA LEU D 55 19.67 -0.63 -11.86
C LEU D 55 19.99 -1.49 -10.64
N GLY D 56 19.03 -2.30 -10.21
CA GLY D 56 19.23 -3.17 -9.06
C GLY D 56 19.63 -4.58 -9.40
N ARG D 57 19.57 -4.92 -10.69
CA ARG D 57 19.88 -6.28 -11.11
C ARG D 57 21.30 -6.78 -10.75
N PRO D 58 22.33 -5.91 -10.86
CA PRO D 58 23.66 -6.42 -10.47
C PRO D 58 23.73 -6.89 -9.01
N ASP D 59 23.00 -6.21 -8.14
CA ASP D 59 23.01 -6.54 -6.71
C ASP D 59 22.13 -7.75 -6.38
N ALA D 60 21.01 -7.88 -7.08
CA ALA D 60 20.17 -9.06 -6.92
C ALA D 60 20.97 -10.30 -7.26
N GLU D 61 21.68 -10.25 -8.38
CA GLU D 61 22.53 -11.35 -8.82
C GLU D 61 23.69 -11.59 -7.87
N TYR D 62 24.35 -10.52 -7.44
CA TYR D 62 25.50 -10.59 -6.56
C TYR D 62 25.12 -11.17 -5.19
N TRP D 63 24.08 -10.62 -4.59
CA TRP D 63 23.64 -11.06 -3.26
C TRP D 63 23.07 -12.48 -3.28
N ASN D 64 22.39 -12.85 -4.36
CA ASN D 64 21.85 -14.20 -4.47
C ASN D 64 22.94 -15.26 -4.62
N SER D 65 24.14 -14.84 -4.99
CA SER D 65 25.25 -15.79 -5.13
C SER D 65 25.92 -16.03 -3.77
N GLN D 66 25.48 -15.28 -2.76
CA GLN D 66 26.02 -15.43 -1.41
C GLN D 66 25.04 -16.19 -0.53
N LYS D 67 25.20 -17.50 -0.48
CA LYS D 67 24.30 -18.38 0.27
C LYS D 67 24.24 -18.01 1.75
N ASP D 68 25.35 -17.57 2.31
CA ASP D 68 25.37 -17.21 3.72
C ASP D 68 24.50 -15.98 3.99
N LEU D 69 24.59 -14.99 3.10
CA LEU D 69 23.74 -13.82 3.22
C LEU D 69 22.27 -14.18 3.08
N LEU D 70 21.96 -15.03 2.11
CA LEU D 70 20.59 -15.46 1.87
C LEU D 70 19.99 -16.14 3.10
N GLU D 71 20.76 -17.03 3.72
CA GLU D 71 20.23 -17.74 4.89
C GLU D 71 20.05 -16.80 6.07
N GLN D 72 20.89 -15.77 6.16
CA GLN D 72 20.69 -14.72 7.15
C GLN D 72 19.32 -14.06 6.97
N ARG D 73 18.99 -13.73 5.72
CA ARG D 73 17.72 -13.09 5.39
C ARG D 73 16.54 -14.06 5.53
N ARG D 74 16.74 -15.31 5.14
CA ARG D 74 15.68 -16.33 5.24
C ARG D 74 15.27 -16.60 6.68
N ALA D 75 16.18 -16.35 7.62
CA ALA D 75 15.91 -16.57 9.04
C ALA D 75 15.36 -15.32 9.72
N ALA D 76 15.35 -14.20 8.99
CA ALA D 76 15.04 -12.89 9.59
C ALA D 76 13.65 -12.83 10.25
N VAL D 77 12.66 -13.52 9.69
CA VAL D 77 11.33 -13.52 10.29
C VAL D 77 11.39 -14.01 11.74
N ASP D 78 12.35 -14.88 12.03
CA ASP D 78 12.57 -15.39 13.38
C ASP D 78 13.55 -14.54 14.19
N THR D 79 14.77 -14.38 13.67
CA THR D 79 15.86 -13.76 14.42
C THR D 79 15.73 -12.23 14.53
N TYR D 80 14.89 -11.66 13.67
CA TYR D 80 14.81 -10.21 13.59
C TYR D 80 13.38 -9.74 13.86
N CYS D 81 12.45 -10.17 13.03
CA CYS D 81 11.04 -9.75 13.16
C CYS D 81 10.41 -10.24 14.47
N ARG D 82 10.31 -11.56 14.65
CA ARG D 82 9.70 -12.09 15.86
C ARG D 82 10.49 -11.65 17.09
N HIS D 83 11.81 -11.57 16.97
CA HIS D 83 12.64 -11.11 18.09
C HIS D 83 12.26 -9.70 18.51
N ASN D 84 12.25 -8.77 17.55
CA ASN D 84 12.00 -7.37 17.86
C ASN D 84 10.56 -7.11 18.31
N TYR D 85 9.62 -7.87 17.78
CA TYR D 85 8.23 -7.81 18.22
C TYR D 85 8.17 -8.03 19.72
N GLY D 86 8.82 -9.09 20.19
CA GLY D 86 8.83 -9.43 21.60
C GLY D 86 9.49 -8.36 22.45
N VAL D 87 10.59 -7.81 21.94
CA VAL D 87 11.31 -6.77 22.69
C VAL D 87 10.42 -5.59 23.05
N GLY D 88 9.64 -5.11 22.09
CA GLY D 88 8.86 -3.90 22.30
C GLY D 88 7.39 -4.10 22.62
N GLU D 89 6.98 -5.36 22.72
CA GLU D 89 5.56 -5.70 22.81
C GLU D 89 4.81 -4.95 23.92
N SER D 90 5.42 -4.85 25.09
CA SER D 90 4.74 -4.28 26.26
C SER D 90 4.40 -2.81 26.08
N PHE D 91 5.19 -2.07 25.31
CA PHE D 91 4.95 -0.63 25.17
C PHE D 91 4.55 -0.21 23.76
N THR D 92 4.31 -1.18 22.87
CA THR D 92 3.86 -0.86 21.53
C THR D 92 2.53 -1.54 21.24
N VAL D 93 2.58 -2.86 21.05
CA VAL D 93 1.40 -3.66 20.81
C VAL D 93 0.37 -3.49 21.93
N GLN D 94 0.86 -3.42 23.17
CA GLN D 94 -0.03 -3.34 24.34
C GLN D 94 -0.31 -1.91 24.79
N ARG D 95 0.23 -0.94 24.06
CA ARG D 95 -0.01 0.46 24.39
C ARG D 95 -1.47 0.83 24.15
N ARG D 96 -2.12 1.33 25.19
CA ARG D 96 -3.50 1.78 25.10
CA ARG D 96 -3.49 1.80 25.08
C ARG D 96 -3.66 3.09 25.87
N VAL D 97 -4.01 4.16 25.17
CA VAL D 97 -4.19 5.44 25.82
C VAL D 97 -5.61 5.95 25.57
N HIS D 98 -6.30 6.22 26.67
CA HIS D 98 -7.70 6.65 26.67
C HIS D 98 -7.90 7.95 25.91
N PRO D 99 -8.94 8.02 25.07
CA PRO D 99 -9.23 9.30 24.41
C PRO D 99 -9.81 10.35 25.36
N LYS D 100 -9.53 11.62 25.08
CA LYS D 100 -10.21 12.72 25.75
C LYS D 100 -11.31 13.23 24.82
N VAL D 101 -12.54 13.30 25.31
CA VAL D 101 -13.67 13.67 24.47
C VAL D 101 -14.31 14.97 24.92
N THR D 102 -14.40 15.96 24.03
CA THR D 102 -15.15 17.17 24.34
C THR D 102 -15.99 17.57 23.14
N VAL D 103 -17.04 18.34 23.39
CA VAL D 103 -17.93 18.84 22.33
C VAL D 103 -18.07 20.35 22.45
N TYR D 104 -17.94 21.07 21.33
CA TYR D 104 -18.15 22.51 21.34
C TYR D 104 -18.84 22.95 20.05
N PRO D 105 -19.64 24.02 20.11
CA PRO D 105 -20.33 24.48 18.90
C PRO D 105 -19.45 25.37 18.04
N SER D 106 -19.72 25.39 16.74
CA SER D 106 -18.97 26.21 15.80
C SER D 106 -19.88 26.64 14.67
N LYS D 107 -19.31 27.25 13.63
CA LYS D 107 -20.09 27.79 12.52
C LYS D 107 -19.51 27.43 11.16
N THR D 108 -20.35 27.07 10.21
CA THR D 108 -19.91 26.93 8.82
C THR D 108 -19.79 28.31 8.19
N GLN D 109 -20.62 29.24 8.67
CA GLN D 109 -20.65 30.60 8.15
C GLN D 109 -20.61 31.57 9.32
N PRO D 110 -19.58 32.42 9.39
CA PRO D 110 -19.34 33.32 10.52
C PRO D 110 -20.50 34.23 10.87
N LEU D 111 -21.23 34.73 9.85
CA LEU D 111 -22.30 35.68 10.09
C LEU D 111 -23.60 35.01 10.55
N GLN D 112 -23.72 33.70 10.32
CA GLN D 112 -24.92 32.97 10.71
C GLN D 112 -24.73 32.33 12.08
N HIS D 113 -25.79 31.69 12.59
CA HIS D 113 -25.78 31.12 13.93
C HIS D 113 -24.99 29.80 13.98
N HIS D 114 -24.67 29.34 15.19
CA HIS D 114 -23.96 28.08 15.36
C HIS D 114 -24.71 26.93 14.73
N ASN D 115 -24.06 26.26 13.78
CA ASN D 115 -24.70 25.17 13.05
C ASN D 115 -23.74 24.01 12.84
N LEU D 116 -22.73 23.95 13.70
CA LEU D 116 -21.71 22.92 13.58
C LEU D 116 -21.30 22.45 14.97
N LEU D 117 -21.62 21.20 15.29
CA LEU D 117 -21.23 20.63 16.57
C LEU D 117 -19.95 19.83 16.38
N VAL D 118 -18.90 20.21 17.10
CA VAL D 118 -17.61 19.56 16.97
C VAL D 118 -17.36 18.56 18.10
N CYS D 119 -17.14 17.31 17.76
CA CYS D 119 -16.71 16.34 18.75
C CYS D 119 -15.20 16.15 18.60
N SER D 120 -14.45 16.67 19.57
CA SER D 120 -13.00 16.55 19.60
C SER D 120 -12.60 15.32 20.41
N VAL D 121 -11.88 14.40 19.77
CA VAL D 121 -11.42 13.18 20.41
C VAL D 121 -9.91 13.16 20.32
N SER D 122 -9.21 13.27 21.45
CA SER D 122 -7.78 13.52 21.38
C SER D 122 -6.95 12.72 22.36
N GLY D 123 -5.65 12.67 22.09
CA GLY D 123 -4.68 12.06 22.95
C GLY D 123 -4.69 10.54 22.98
N PHE D 124 -5.34 9.90 22.02
CA PHE D 124 -5.53 8.46 22.15
C PHE D 124 -4.53 7.59 21.37
N TYR D 125 -4.45 6.32 21.77
CA TYR D 125 -3.62 5.32 21.11
C TYR D 125 -4.21 3.93 21.38
N PRO D 126 -4.30 3.07 20.34
CA PRO D 126 -3.84 3.22 18.96
C PRO D 126 -4.76 4.07 18.09
N GLY D 127 -4.44 4.15 16.80
CA GLY D 127 -5.18 4.99 15.86
C GLY D 127 -6.64 4.68 15.58
N SER D 128 -7.02 3.41 15.67
CA SER D 128 -8.37 3.01 15.30
C SER D 128 -9.39 3.62 16.25
N ILE D 129 -10.39 4.28 15.69
CA ILE D 129 -11.42 4.94 16.49
C ILE D 129 -12.72 5.01 15.68
N GLU D 130 -13.84 5.03 16.39
CA GLU D 130 -15.15 5.17 15.76
C GLU D 130 -15.93 6.22 16.52
N VAL D 131 -16.37 7.26 15.81
CA VAL D 131 -17.10 8.36 16.42
C VAL D 131 -18.44 8.56 15.72
N ARG D 132 -19.52 8.56 16.49
CA ARG D 132 -20.86 8.70 15.93
C ARG D 132 -21.64 9.80 16.63
N TRP D 133 -22.55 10.44 15.89
CA TRP D 133 -23.38 11.50 16.44
C TRP D 133 -24.81 11.03 16.60
N PHE D 134 -25.43 11.42 17.71
CA PHE D 134 -26.82 11.12 17.99
C PHE D 134 -27.58 12.40 18.30
N ARG D 135 -28.82 12.50 17.82
CA ARG D 135 -29.74 13.57 18.18
C ARG D 135 -30.93 12.96 18.91
N ASN D 136 -31.14 13.38 20.16
CA ASN D 136 -32.19 12.81 21.00
C ASN D 136 -32.18 11.29 20.95
N GLY D 137 -30.99 10.70 21.05
CA GLY D 137 -30.83 9.26 21.10
C GLY D 137 -30.95 8.52 19.79
N GLN D 138 -31.05 9.26 18.68
CA GLN D 138 -31.12 8.66 17.36
C GLN D 138 -29.87 9.02 16.54
N GLU D 139 -29.23 8.02 15.95
CA GLU D 139 -27.97 8.25 15.24
C GLU D 139 -28.17 9.15 14.02
N GLU D 140 -27.34 10.17 13.91
CA GLU D 140 -27.38 11.07 12.76
C GLU D 140 -26.21 10.76 11.85
N LYS D 141 -26.51 10.27 10.65
CA LYS D 141 -25.48 9.88 9.71
C LYS D 141 -25.28 10.92 8.62
N THR D 142 -26.20 11.88 8.57
CA THR D 142 -26.19 12.92 7.55
C THR D 142 -25.54 14.20 8.10
N GLY D 143 -24.77 14.88 7.26
CA GLY D 143 -24.15 16.15 7.63
C GLY D 143 -22.92 16.00 8.51
N VAL D 144 -22.30 14.84 8.48
CA VAL D 144 -21.12 14.56 9.28
C VAL D 144 -19.85 14.71 8.43
N VAL D 145 -18.89 15.47 8.95
CA VAL D 145 -17.63 15.69 8.27
C VAL D 145 -16.53 15.62 9.32
N SER D 146 -15.33 15.22 8.91
CA SER D 146 -14.26 15.00 9.87
C SER D 146 -12.91 15.44 9.34
N THR D 147 -11.97 15.63 10.25
CA THR D 147 -10.57 15.84 9.89
C THR D 147 -9.99 14.54 9.36
N GLY D 148 -10.62 13.43 9.69
CA GLY D 148 -10.01 12.13 9.49
C GLY D 148 -9.10 11.88 10.67
N LEU D 149 -8.35 10.78 10.63
CA LEU D 149 -7.45 10.45 11.72
C LEU D 149 -6.18 11.28 11.64
N ILE D 150 -5.91 12.07 12.68
CA ILE D 150 -4.71 12.90 12.73
C ILE D 150 -3.65 12.29 13.65
N HIS D 151 -2.47 12.04 13.10
CA HIS D 151 -1.34 11.55 13.88
C HIS D 151 -0.55 12.74 14.42
N ASN D 152 -0.30 12.77 15.73
CA ASN D 152 0.43 13.89 16.33
C ASN D 152 1.94 13.67 16.36
N GLY D 153 2.37 12.51 15.85
CA GLY D 153 3.78 12.18 15.73
C GLY D 153 4.47 11.81 17.02
N ASP D 154 3.69 11.59 18.08
CA ASP D 154 4.23 11.38 19.41
C ASP D 154 3.55 10.22 20.14
N TRP D 155 3.16 9.21 19.38
CA TRP D 155 2.42 8.05 19.90
C TRP D 155 1.04 8.43 20.45
N THR D 156 0.48 9.52 19.95
CA THR D 156 -0.93 9.81 20.19
C THR D 156 -1.60 10.28 18.89
N PHE D 157 -2.92 10.18 18.88
CA PHE D 157 -3.74 10.58 17.73
C PHE D 157 -4.85 11.53 18.17
N GLN D 158 -5.49 12.18 17.20
CA GLN D 158 -6.71 12.90 17.48
C GLN D 158 -7.59 12.95 16.25
N THR D 159 -8.83 13.42 16.44
CA THR D 159 -9.73 13.66 15.33
C THR D 159 -10.80 14.66 15.76
N LEU D 160 -11.33 15.39 14.78
CA LEU D 160 -12.51 16.20 14.98
C LEU D 160 -13.61 15.58 14.12
N VAL D 161 -14.76 15.30 14.72
CA VAL D 161 -15.87 14.78 13.95
C VAL D 161 -17.03 15.75 14.13
N MET D 162 -17.44 16.37 13.03
CA MET D 162 -18.36 17.50 13.11
C MET D 162 -19.74 17.18 12.53
N LEU D 163 -20.76 17.68 13.21
CA LEU D 163 -22.14 17.49 12.75
C LEU D 163 -22.72 18.84 12.32
N GLU D 164 -23.07 18.96 11.05
CA GLU D 164 -23.76 20.18 10.62
C GLU D 164 -25.25 20.01 10.90
N THR D 165 -25.77 20.88 11.74
CA THR D 165 -27.14 20.76 12.20
C THR D 165 -27.66 22.10 12.68
N VAL D 166 -28.98 22.27 12.66
CA VAL D 166 -29.58 23.46 13.22
C VAL D 166 -30.21 23.13 14.57
N PRO D 167 -29.51 23.45 15.66
CA PRO D 167 -29.98 23.12 17.00
C PRO D 167 -31.30 23.83 17.33
N ARG D 168 -32.24 23.06 17.87
CA ARG D 168 -33.49 23.63 18.34
C ARG D 168 -33.52 23.52 19.85
N SER D 169 -34.25 24.44 20.50
CA SER D 169 -34.32 24.44 21.95
C SER D 169 -34.78 23.09 22.49
N GLY D 170 -34.08 22.58 23.50
CA GLY D 170 -34.45 21.32 24.10
C GLY D 170 -33.74 20.12 23.51
N GLU D 171 -33.07 20.32 22.39
CA GLU D 171 -32.37 19.22 21.74
C GLU D 171 -31.14 18.77 22.51
N VAL D 172 -30.96 17.47 22.64
CA VAL D 172 -29.76 16.92 23.24
C VAL D 172 -28.98 16.12 22.22
N TYR D 173 -27.74 16.53 21.98
CA TYR D 173 -26.88 15.84 21.04
C TYR D 173 -25.86 15.02 21.80
N THR D 174 -25.54 13.84 21.27
CA THR D 174 -24.57 12.98 21.92
C THR D 174 -23.48 12.55 20.95
N CYS D 175 -22.22 12.75 21.35
CA CYS D 175 -21.09 12.19 20.63
C CYS D 175 -20.69 10.89 21.29
N GLN D 176 -20.59 9.82 20.50
CA GLN D 176 -20.26 8.50 21.03
C GLN D 176 -18.95 8.01 20.44
N VAL D 177 -18.03 7.57 21.31
CA VAL D 177 -16.70 7.17 20.88
C VAL D 177 -16.39 5.73 21.27
N GLU D 178 -15.94 4.94 20.29
CA GLU D 178 -15.47 3.59 20.56
C GLU D 178 -14.00 3.50 20.23
N HIS D 179 -13.25 2.79 21.05
CA HIS D 179 -11.80 2.75 20.95
C HIS D 179 -11.32 1.52 21.69
N PRO D 180 -10.22 0.88 21.23
CA PRO D 180 -9.74 -0.35 21.86
C PRO D 180 -9.37 -0.21 23.34
N SER D 181 -9.15 1.02 23.81
CA SER D 181 -8.81 1.23 25.21
C SER D 181 -10.00 1.06 26.15
N VAL D 182 -11.21 1.09 25.60
CA VAL D 182 -12.42 0.89 26.40
C VAL D 182 -13.30 -0.23 25.83
N THR D 183 -14.06 -0.90 26.69
CA THR D 183 -14.92 -2.00 26.24
C THR D 183 -16.36 -1.56 26.23
N SER D 184 -16.58 -0.29 26.54
CA SER D 184 -17.90 0.32 26.46
C SER D 184 -17.76 1.72 25.85
N PRO D 185 -18.75 2.14 25.04
CA PRO D 185 -18.62 3.44 24.35
C PRO D 185 -18.57 4.62 25.32
N LEU D 186 -17.74 5.60 25.01
CA LEU D 186 -17.72 6.88 25.71
C LEU D 186 -18.75 7.81 25.10
N THR D 187 -19.50 8.53 25.93
CA THR D 187 -20.47 9.48 25.42
C THR D 187 -20.29 10.86 26.08
N VAL D 188 -20.49 11.91 25.28
CA VAL D 188 -20.53 13.28 25.79
C VAL D 188 -21.74 13.98 25.21
N GLU D 189 -22.54 14.62 26.07
CA GLU D 189 -23.74 15.32 25.62
C GLU D 189 -23.51 16.82 25.44
N TRP D 190 -24.24 17.39 24.50
CA TRP D 190 -24.29 18.84 24.32
C TRP D 190 -25.75 19.24 24.15
N ARG D 191 -26.19 20.23 24.92
CA ARG D 191 -27.58 20.67 24.88
C ARG D 191 -27.73 22.06 24.28
N ALA D 192 -28.75 22.23 23.45
CA ALA D 192 -28.98 23.49 22.74
C ALA D 192 -29.56 24.57 23.66
N GLY E 1 -28.90 -10.97 -5.77
CA GLY E 1 -28.86 -9.54 -5.52
C GLY E 1 -28.25 -8.77 -6.67
N VAL E 2 -28.35 -7.45 -6.64
CA VAL E 2 -27.85 -6.62 -7.74
C VAL E 2 -26.72 -5.69 -7.29
N TYR E 3 -25.56 -5.82 -7.94
CA TYR E 3 -24.43 -4.93 -7.68
C TYR E 3 -24.82 -3.48 -7.93
N ALA E 4 -24.38 -2.59 -7.03
CA ALA E 4 -24.64 -1.17 -7.19
C ALA E 4 -23.42 -0.49 -7.78
N THR E 5 -23.67 0.47 -8.67
CA THR E 5 -22.60 1.25 -9.28
C THR E 5 -22.34 2.53 -8.47
N ARG E 6 -21.07 2.83 -8.25
CA ARG E 6 -20.68 4.16 -7.78
C ARG E 6 -20.69 5.07 -8.99
N SER E 7 -21.64 5.99 -9.06
CA SER E 7 -21.76 6.87 -10.22
CA SER E 7 -21.75 6.85 -10.23
C SER E 7 -20.74 8.00 -10.20
N SER E 8 -19.82 7.98 -11.15
CA SER E 8 -18.81 9.03 -11.22
C SER E 8 -19.44 10.38 -11.57
N ALA E 9 -18.78 11.45 -11.16
CA ALA E 9 -19.27 12.80 -11.37
C ALA E 9 -18.38 13.53 -12.36
N VAL E 10 -18.97 14.48 -13.09
CA VAL E 10 -18.21 15.27 -14.06
C VAL E 10 -17.42 16.35 -13.34
N ARG E 11 -16.14 16.45 -13.69
CA ARG E 11 -15.25 17.47 -13.15
C ARG E 11 -15.74 18.88 -13.50
N LEU E 12 -15.09 19.89 -12.92
CA LEU E 12 -15.44 21.27 -13.22
C LEU E 12 -14.97 21.65 -14.62
N ARG E 13 -15.89 22.14 -15.44
CA ARG E 13 -15.57 22.59 -16.78
C ARG E 13 -15.02 24.00 -16.77
N GLY F 1 14.82 -6.44 26.86
CA GLY F 1 15.38 -7.07 25.67
C GLY F 1 16.13 -6.07 24.81
N VAL F 2 16.84 -6.59 23.81
CA VAL F 2 17.68 -5.77 22.94
C VAL F 2 17.20 -5.83 21.50
N TYR F 3 16.86 -4.68 20.92
CA TYR F 3 16.49 -4.63 19.51
C TYR F 3 17.61 -5.15 18.64
N ALA F 4 17.25 -5.94 17.63
CA ALA F 4 18.22 -6.47 16.68
C ALA F 4 18.26 -5.59 15.42
N THR F 5 19.46 -5.37 14.90
CA THR F 5 19.62 -4.62 13.65
C THR F 5 19.64 -5.57 12.45
N ARG F 6 18.92 -5.22 11.39
CA ARG F 6 19.10 -5.86 10.09
C ARG F 6 20.33 -5.22 9.46
N SER F 7 21.40 -5.99 9.33
CA SER F 7 22.65 -5.46 8.79
CA SER F 7 22.64 -5.45 8.79
C SER F 7 22.61 -5.35 7.27
N SER F 8 22.59 -4.12 6.77
CA SER F 8 22.55 -3.90 5.32
C SER F 8 23.84 -4.39 4.68
N ALA F 9 23.77 -4.74 3.40
CA ALA F 9 24.92 -5.28 2.69
C ALA F 9 25.42 -4.29 1.65
N VAL F 10 26.71 -4.37 1.35
CA VAL F 10 27.30 -3.52 0.33
C VAL F 10 26.95 -4.06 -1.05
N ARG F 11 26.49 -3.18 -1.92
CA ARG F 11 26.17 -3.52 -3.29
C ARG F 11 27.41 -3.98 -4.06
N LEU F 12 27.22 -4.45 -5.28
CA LEU F 12 28.32 -4.85 -6.14
C LEU F 12 29.08 -3.62 -6.65
N ARG F 13 30.40 -3.60 -6.46
CA ARG F 13 31.22 -2.47 -6.92
C ARG F 13 31.58 -2.56 -8.41
C1 NAG G . -1.30 -3.47 -32.02
C2 NAG G . -0.55 -2.16 -31.82
C3 NAG G . -1.16 -1.04 -32.67
C4 NAG G . -1.35 -1.48 -34.13
C5 NAG G . -2.07 -2.83 -34.18
C6 NAG G . -2.15 -3.40 -35.58
C7 NAG G . 0.55 -1.75 -29.66
C8 NAG G . 0.35 -1.35 -28.23
N2 NAG G . -0.55 -1.79 -30.43
O3 NAG G . -0.32 0.10 -32.62
O4 NAG G . -2.14 -0.51 -34.79
O5 NAG G . -1.36 -3.79 -33.39
O6 NAG G . -0.87 -3.77 -36.07
O7 NAG G . 1.66 -2.04 -30.12
C1 NAG G . -1.60 -0.08 -36.06
C2 NAG G . -2.81 0.36 -36.90
C3 NAG G . -2.35 0.88 -38.26
C4 NAG G . -1.29 1.96 -38.09
C5 NAG G . -0.15 1.43 -37.22
C6 NAG G . 0.91 2.46 -36.94
C7 NAG G . -5.07 -0.62 -36.87
C8 NAG G . -5.55 0.75 -36.49
N2 NAG G . -3.74 -0.74 -37.06
O3 NAG G . -3.47 1.40 -38.97
O4 NAG G . -0.80 2.37 -39.35
O5 NAG G . -0.66 1.00 -35.96
O6 NAG G . 1.95 1.92 -36.14
O7 NAG G . -5.83 -1.56 -37.01
C1 NAG H . 18.75 25.84 5.49
C2 NAG H . 18.92 25.54 4.01
C3 NAG H . 20.41 25.47 3.65
C4 NAG H . 21.16 26.69 4.16
C5 NAG H . 20.84 26.94 5.63
C6 NAG H . 21.41 28.25 6.15
C7 NAG H . 17.12 24.27 2.91
C8 NAG H . 16.55 22.92 2.64
N2 NAG H . 18.24 24.31 3.65
O3 NAG H . 20.55 25.36 2.24
O4 NAG H . 22.55 26.44 4.06
O5 NAG H . 19.42 27.02 5.82
O6 NAG H . 21.06 28.45 7.51
O7 NAG H . 16.61 25.30 2.47
C1 NAG H . 23.27 27.51 3.43
C2 NAG H . 24.73 27.40 3.90
C3 NAG H . 25.63 28.39 3.16
C4 NAG H . 25.40 28.30 1.66
C5 NAG H . 23.93 28.52 1.38
C6 NAG H . 23.58 28.47 -0.08
C7 NAG H . 25.32 26.73 6.19
C8 NAG H . 25.83 25.45 5.59
N2 NAG H . 24.81 27.62 5.34
O3 NAG H . 26.98 28.10 3.47
O4 NAG H . 26.19 29.26 0.97
O5 NAG H . 23.21 27.46 2.01
O6 NAG H . 22.23 28.87 -0.29
O7 NAG H . 25.39 26.94 7.40
C1 NAG I . -0.89 25.01 -18.36
C2 NAG I . -0.25 24.87 -16.98
C3 NAG I . -0.56 26.10 -16.12
C4 NAG I . -0.16 27.37 -16.85
C5 NAG I . -0.82 27.41 -18.23
C6 NAG I . -0.39 28.59 -19.06
C7 NAG I . 0.11 22.61 -16.09
C8 NAG I . -0.51 21.44 -15.39
N2 NAG I . -0.69 23.66 -16.31
O3 NAG I . 0.15 26.01 -14.89
O4 NAG I . -0.58 28.50 -16.10
O5 NAG I . -0.46 26.23 -18.97
O6 NAG I . 1.01 28.83 -18.91
O7 NAG I . 1.29 22.60 -16.45
C1 EDO J . -23.13 6.77 -4.52
O1 EDO J . -22.28 7.72 -3.88
C2 EDO J . -22.49 6.36 -5.84
O2 EDO J . -23.43 6.46 -6.92
C1 EDO K . -4.80 -21.27 7.32
O1 EDO K . -4.14 -21.83 8.46
C2 EDO K . -4.12 -19.98 6.86
O2 EDO K . -2.81 -20.27 6.34
C1 EDO L . 4.15 -33.53 10.74
O1 EDO L . 5.26 -34.28 11.26
C2 EDO L . 4.16 -33.64 9.22
O2 EDO L . 5.51 -33.44 8.78
C1 EDO M . 15.84 -31.40 9.46
O1 EDO M . 16.97 -32.27 9.64
C2 EDO M . 15.69 -30.45 10.64
O2 EDO M . 16.77 -29.51 10.70
C1 PGE N . -15.89 6.09 8.44
O1 PGE N . -14.98 5.78 7.38
C2 PGE N . -15.56 7.46 9.00
O2 PGE N . -16.69 8.25 9.30
C3 PGE N . -16.37 9.59 9.61
C4 PGE N . -15.59 9.69 10.91
O4 PGE N . -11.51 7.51 11.89
C6 PGE N . -12.61 7.72 11.03
C5 PGE N . -13.55 8.72 11.67
O3 PGE N . -14.20 9.51 10.69
C1 PGE O . 4.33 -19.13 -0.06
O1 PGE O . 3.56 -17.94 0.16
C2 PGE O . 5.79 -18.77 -0.10
O2 PGE O . 6.36 -18.82 1.20
C3 PGE O . 7.47 -19.69 1.32
C4 PGE O . 8.64 -18.99 2.01
O4 PGE O . 5.68 -18.69 4.86
C6 PGE O . 6.95 -18.10 5.13
C5 PGE O . 7.66 -17.82 3.82
O3 PGE O . 8.40 -18.95 3.40
C1 NAG P . 25.00 5.40 -17.83
C2 NAG P . 23.72 4.66 -18.23
C3 NAG P . 24.05 3.41 -19.03
C4 NAG P . 24.95 3.75 -20.21
C5 NAG P . 26.19 4.49 -19.71
C6 NAG P . 27.07 4.95 -20.84
C7 NAG P . 21.71 4.86 -16.83
C8 NAG P . 21.03 4.40 -15.57
N2 NAG P . 22.92 4.33 -17.06
O3 NAG P . 22.84 2.81 -19.49
O4 NAG P . 25.34 2.56 -20.88
O5 NAG P . 25.78 5.67 -19.00
O6 NAG P . 28.43 5.08 -20.42
O7 NAG P . 21.19 5.65 -17.59
C1 EDO Q . 19.57 -9.29 9.59
O1 EDO Q . 20.93 -8.83 9.63
C2 EDO Q . 19.51 -10.78 9.29
O2 EDO Q . 19.56 -10.96 7.87
C1 EDO R . -26.78 5.63 21.86
O1 EDO R . -28.18 5.37 22.08
C2 EDO R . -26.31 6.72 22.80
O2 EDO R . -27.09 7.91 22.57
C1 EDO S . 17.93 6.41 -10.30
O1 EDO S . 17.85 5.88 -8.98
C2 EDO S . 18.84 7.64 -10.34
O2 EDO S . 18.19 8.77 -9.76
#